data_5XPB
#
_entry.id   5XPB
#
_cell.length_a   56.511
_cell.length_b   103.722
_cell.length_c   103.820
_cell.angle_alpha   102.46
_cell.angle_beta   105.81
_cell.angle_gamma   105.77
#
_symmetry.space_group_name_H-M   'P 1'
#
loop_
_entity.id
_entity.type
_entity.pdbx_description
1 polymer 'DNAation factor-related protein 4'
2 water water
#
_entity_poly.entity_id   1
_entity_poly.type   'polypeptide(L)'
_entity_poly.pdbx_seq_one_letter_code
;SRGTAGAP(MSE)RGYKVTDNERTRKYGIGANSLE(MSE)LIAKAKSKFPLLEPHLYLASDGFEVSDDEYLKSLPAQTLF
IVSGPDAVITTDADFEFEK(MSE)LEHHHHHH
;
_entity_poly.pdbx_strand_id   A,B,C,D,E,F,G,H,I,J
#
# COMPACT_ATOMS: atom_id res chain seq x y z
N ALA A 7 25.92 7.30 9.53
CA ALA A 7 25.83 8.74 9.78
C ALA A 7 25.39 9.50 8.53
N PRO A 8 24.44 10.41 8.69
CA PRO A 8 23.91 11.15 7.53
C PRO A 8 24.67 12.46 7.30
N MSE A 9 25.05 12.78 6.07
CA MSE A 9 25.74 14.04 5.85
C MSE A 9 24.74 15.19 5.88
O MSE A 9 23.68 15.11 5.26
CB MSE A 9 26.51 14.00 4.53
CG MSE A 9 27.53 15.13 4.41
SE MSE A 9 29.12 14.70 5.13
CE MSE A 9 29.33 13.10 4.35
N ARG A 10 25.05 16.25 6.63
CA ARG A 10 24.14 17.39 6.74
C ARG A 10 24.91 18.69 6.51
N GLY A 11 24.18 19.74 6.17
CA GLY A 11 24.80 21.01 5.80
C GLY A 11 24.76 22.00 6.96
N TYR A 12 25.90 22.66 7.20
CA TYR A 12 26.01 23.65 8.26
C TYR A 12 26.68 24.94 7.75
N LYS A 13 26.47 26.06 8.46
CA LYS A 13 27.03 27.35 8.07
C LYS A 13 28.03 27.83 9.10
N VAL A 14 29.25 28.13 8.62
CA VAL A 14 30.39 28.46 9.46
C VAL A 14 30.98 29.78 9.03
N THR A 15 31.32 30.61 9.99
CA THR A 15 31.98 31.88 9.72
C THR A 15 32.95 32.14 10.88
N ASP A 16 33.81 33.13 10.71
CA ASP A 16 34.67 33.57 11.80
C ASP A 16 33.86 34.44 12.77
N ASN A 17 34.52 34.92 13.82
CA ASN A 17 33.84 35.85 14.71
C ASN A 17 33.61 37.22 14.05
N GLU A 18 34.21 37.48 12.87
CA GLU A 18 34.21 38.80 12.23
C GLU A 18 33.31 38.88 11.00
N ARG A 19 32.75 37.75 10.55
CA ARG A 19 31.88 37.67 9.37
C ARG A 19 32.64 38.10 8.12
N THR A 20 33.83 37.54 7.96
CA THR A 20 34.62 37.79 6.77
C THR A 20 34.48 36.65 5.80
N ARG A 21 34.64 35.44 6.31
CA ARG A 21 34.65 34.25 5.50
C ARG A 21 33.42 33.43 5.87
N LYS A 22 32.64 33.08 4.86
CA LYS A 22 31.37 32.41 5.05
C LYS A 22 31.38 31.20 4.14
N TYR A 23 31.26 30.02 4.74
CA TYR A 23 31.24 28.75 4.02
C TYR A 23 30.06 27.90 4.44
N GLY A 24 29.59 27.08 3.51
CA GLY A 24 28.69 25.99 3.82
C GLY A 24 29.50 24.71 3.83
N ILE A 25 29.28 23.87 4.84
CA ILE A 25 30.09 22.67 5.03
C ILE A 25 29.20 21.46 5.28
N GLY A 26 29.46 20.39 4.53
CA GLY A 26 28.81 19.11 4.76
C GLY A 26 29.64 18.29 5.73
N ALA A 27 28.96 17.64 6.67
CA ALA A 27 29.63 16.92 7.75
C ALA A 27 28.63 15.97 8.41
N ASN A 28 29.08 14.76 8.69
CA ASN A 28 28.24 13.80 9.43
C ASN A 28 28.67 13.64 10.88
N SER A 29 29.65 14.43 11.32
CA SER A 29 30.13 14.40 12.69
C SER A 29 30.60 15.79 13.07
N LEU A 30 30.67 16.05 14.38
CA LEU A 30 31.31 17.28 14.82
C LEU A 30 32.79 17.25 14.52
N GLU A 31 33.36 16.05 14.41
CA GLU A 31 34.77 15.93 14.06
C GLU A 31 34.98 16.28 12.59
N MSE A 32 34.17 15.69 11.70
CA MSE A 32 34.28 16.03 10.28
C MSE A 32 34.09 17.53 10.07
O MSE A 32 34.84 18.14 9.32
CB MSE A 32 33.29 15.24 9.43
CG MSE A 32 33.42 15.57 7.95
SE MSE A 32 32.28 14.74 6.85
CE MSE A 32 32.92 13.05 6.86
N LEU A 33 33.09 18.10 10.72
CA LEU A 33 32.86 19.54 10.61
C LEU A 33 34.05 20.33 11.12
N ILE A 34 34.64 19.91 12.24
CA ILE A 34 35.76 20.66 12.80
C ILE A 34 36.97 20.59 11.89
N ALA A 35 37.25 19.40 11.35
CA ALA A 35 38.33 19.27 10.39
C ALA A 35 38.13 20.24 9.23
N LYS A 36 36.96 20.16 8.59
CA LYS A 36 36.67 20.97 7.42
C LYS A 36 36.76 22.47 7.72
N ALA A 37 36.28 22.90 8.89
CA ALA A 37 36.46 24.31 9.25
C ALA A 37 37.92 24.64 9.46
N LYS A 38 38.67 23.68 10.03
CA LYS A 38 40.11 23.87 10.28
C LYS A 38 40.84 24.24 9.01
N SER A 39 40.60 23.47 7.94
CA SER A 39 41.28 23.67 6.66
C SER A 39 40.94 25.03 6.04
N LYS A 40 39.73 25.53 6.24
CA LYS A 40 39.38 26.81 5.65
C LYS A 40 39.67 27.98 6.59
N PHE A 41 40.28 27.73 7.73
CA PHE A 41 40.49 28.83 8.65
C PHE A 41 41.89 28.86 9.25
N PRO A 42 42.39 30.07 9.51
CA PRO A 42 43.73 30.26 10.06
C PRO A 42 43.80 29.99 11.55
N LEU A 43 43.16 28.96 12.08
CA LEU A 43 42.93 28.96 13.51
C LEU A 43 43.64 27.74 14.06
N LEU A 44 44.22 27.86 15.27
CA LEU A 44 45.11 26.81 15.73
C LEU A 44 44.29 25.58 16.08
N GLU A 45 43.68 25.59 17.25
CA GLU A 45 42.69 24.56 17.57
C GLU A 45 41.32 25.23 17.66
N PRO A 46 40.43 25.02 16.66
CA PRO A 46 39.25 25.87 16.53
C PRO A 46 38.01 25.21 17.11
N HIS A 47 37.12 26.02 17.68
CA HIS A 47 35.89 25.54 18.31
C HIS A 47 34.66 26.22 17.74
N LEU A 48 33.54 25.49 17.74
CA LEU A 48 32.27 25.95 17.18
C LEU A 48 31.36 26.54 18.26
N TYR A 49 30.73 27.67 17.93
CA TYR A 49 29.79 28.34 18.83
C TYR A 49 28.52 28.68 18.08
N LEU A 50 27.39 28.58 18.75
CA LEU A 50 26.18 29.02 18.11
C LEU A 50 26.25 30.52 17.89
N ALA A 51 26.08 30.95 16.65
CA ALA A 51 25.99 32.38 16.42
C ALA A 51 24.83 32.96 17.22
N SER A 52 23.76 32.18 17.42
CA SER A 52 22.58 32.61 18.15
C SER A 52 22.92 32.99 19.58
N ASP A 53 23.47 32.02 20.34
CA ASP A 53 23.62 32.12 21.78
C ASP A 53 25.06 32.25 22.23
N GLY A 54 26.00 31.83 21.39
CA GLY A 54 27.40 31.81 21.77
C GLY A 54 27.80 30.56 22.52
N PHE A 55 26.92 29.57 22.60
CA PHE A 55 27.27 28.34 23.30
C PHE A 55 28.21 27.46 22.48
N GLU A 56 29.12 26.79 23.17
CA GLU A 56 30.06 25.93 22.48
C GLU A 56 29.36 24.61 22.17
N VAL A 57 29.45 24.19 20.92
CA VAL A 57 29.00 22.86 20.52
C VAL A 57 30.01 21.86 21.05
N SER A 58 29.71 21.23 22.21
CA SER A 58 30.76 20.50 22.93
C SER A 58 30.95 19.07 22.47
N ASP A 59 29.90 18.38 22.06
CA ASP A 59 30.02 17.00 21.62
C ASP A 59 29.27 16.84 20.32
N ASP A 60 29.53 15.72 19.65
CA ASP A 60 28.80 15.43 18.42
C ASP A 60 27.30 15.38 18.67
N GLU A 61 26.89 14.91 19.84
CA GLU A 61 25.46 14.78 20.13
C GLU A 61 24.75 16.13 20.12
N TYR A 62 25.33 17.15 20.76
CA TYR A 62 24.65 18.44 20.69
C TYR A 62 24.63 18.99 19.28
N LEU A 63 25.61 18.65 18.44
CA LEU A 63 25.59 19.10 17.05
C LEU A 63 24.39 18.54 16.30
N LYS A 64 24.16 17.22 16.40
CA LYS A 64 23.01 16.65 15.72
C LYS A 64 21.69 16.97 16.39
N SER A 65 21.71 17.44 17.64
CA SER A 65 20.55 18.13 18.20
C SER A 65 20.11 19.30 17.33
N LEU A 66 21.06 20.00 16.71
CA LEU A 66 20.70 21.26 16.09
C LEU A 66 20.07 21.06 14.72
N PRO A 67 19.23 21.99 14.28
CA PRO A 67 18.65 21.91 12.94
C PRO A 67 19.72 22.14 11.88
N ALA A 68 19.48 21.60 10.70
CA ALA A 68 20.46 21.83 9.64
C ALA A 68 20.57 23.31 9.27
N GLN A 69 21.68 23.65 8.62
CA GLN A 69 22.00 25.01 8.21
C GLN A 69 22.01 25.98 9.38
N THR A 70 22.37 25.49 10.58
CA THR A 70 22.64 26.38 11.70
C THR A 70 23.97 27.10 11.50
N LEU A 71 24.01 28.38 11.86
CA LEU A 71 25.22 29.17 11.70
C LEU A 71 26.07 29.08 12.95
N PHE A 72 27.34 28.70 12.77
CA PHE A 72 28.30 28.65 13.84
C PHE A 72 29.37 29.71 13.66
N ILE A 73 29.84 30.25 14.78
CA ILE A 73 31.09 30.99 14.80
C ILE A 73 32.18 29.98 15.12
N VAL A 74 33.26 30.01 14.35
CA VAL A 74 34.47 29.25 14.66
C VAL A 74 35.53 30.22 15.18
N SER A 75 36.19 29.81 16.25
CA SER A 75 37.13 30.69 16.95
C SER A 75 38.01 29.80 17.81
N GLY A 76 38.89 30.45 18.58
CA GLY A 76 39.79 29.73 19.44
C GLY A 76 39.03 29.15 20.60
N PRO A 77 39.61 28.18 21.30
CA PRO A 77 38.91 27.60 22.45
C PRO A 77 38.77 28.63 23.56
N ASP A 78 37.70 28.46 24.35
CA ASP A 78 37.34 29.38 25.44
C ASP A 78 37.29 30.84 24.97
N ALA A 79 36.86 31.05 23.72
CA ALA A 79 36.67 32.39 23.20
C ALA A 79 35.24 32.84 23.44
N VAL A 80 35.08 34.12 23.78
CA VAL A 80 33.77 34.75 23.90
C VAL A 80 33.46 35.47 22.60
N ILE A 81 32.24 35.25 22.11
CA ILE A 81 31.80 35.50 20.73
C ILE A 81 30.96 36.76 20.67
N THR A 82 31.12 37.52 19.61
CA THR A 82 30.14 38.54 19.27
C THR A 82 28.89 37.81 18.75
N THR A 83 27.87 37.74 19.58
CA THR A 83 26.64 37.10 19.16
C THR A 83 26.06 37.84 17.96
N ASP A 84 25.15 37.17 17.24
CA ASP A 84 24.53 37.78 16.07
C ASP A 84 23.81 39.07 16.40
N ALA A 85 23.04 39.09 17.49
CA ALA A 85 22.40 40.33 17.95
C ALA A 85 23.42 41.44 18.16
N ASP A 86 24.53 41.12 18.85
CA ASP A 86 25.52 42.14 19.15
C ASP A 86 26.40 42.50 17.96
N PHE A 87 26.66 41.54 17.06
CA PHE A 87 27.52 41.87 15.91
C PHE A 87 26.84 42.85 14.97
N GLU A 88 25.55 42.66 14.73
CA GLU A 88 24.84 43.49 13.78
C GLU A 88 24.19 44.71 14.43
N PHE A 89 24.17 44.76 15.76
CA PHE A 89 23.86 46.00 16.46
C PHE A 89 25.10 46.90 16.53
N GLU A 90 26.29 46.30 16.73
CA GLU A 90 27.52 47.07 16.66
C GLU A 90 27.69 47.72 15.29
N LYS A 91 27.18 47.09 14.23
CA LYS A 91 27.28 47.61 12.88
C LYS A 91 26.06 48.49 12.54
N GLY B 6 25.29 6.40 -9.65
CA GLY B 6 25.15 6.34 -8.20
C GLY B 6 24.86 7.69 -7.56
N ALA B 7 25.11 8.76 -8.36
CA ALA B 7 24.81 10.15 -8.02
C ALA B 7 23.64 10.63 -8.85
N PRO B 8 22.63 11.27 -8.25
CA PRO B 8 21.45 11.67 -9.03
C PRO B 8 21.59 13.09 -9.62
N MSE B 9 21.24 13.25 -10.89
CA MSE B 9 21.35 14.57 -11.50
C MSE B 9 20.24 15.48 -10.98
O MSE B 9 19.09 15.07 -10.89
CB MSE B 9 21.30 14.48 -13.02
CG MSE B 9 21.80 15.77 -13.70
SE MSE B 9 23.57 15.81 -14.04
CE MSE B 9 23.78 14.25 -14.91
N ARG B 10 20.60 16.69 -10.56
CA ARG B 10 19.65 17.64 -10.04
C ARG B 10 19.82 19.01 -10.70
N GLY B 11 18.79 19.83 -10.63
CA GLY B 11 18.80 21.12 -11.29
C GLY B 11 19.06 22.27 -10.34
N TYR B 12 19.99 23.13 -10.71
CA TYR B 12 20.29 24.31 -9.90
C TYR B 12 20.18 25.56 -10.77
N LYS B 13 20.06 26.74 -10.13
CA LYS B 13 20.00 28.03 -10.84
C LYS B 13 21.20 28.89 -10.47
N VAL B 14 21.86 29.45 -11.48
CA VAL B 14 23.15 30.15 -11.36
C VAL B 14 23.03 31.55 -11.97
N THR B 15 23.67 32.54 -11.37
CA THR B 15 23.74 33.82 -12.04
C THR B 15 25.05 34.52 -11.67
N ASP B 16 25.42 35.54 -12.45
CA ASP B 16 26.55 36.40 -12.12
C ASP B 16 26.13 37.42 -11.05
N ASN B 17 27.11 38.15 -10.49
CA ASN B 17 26.75 38.96 -9.34
C ASN B 17 25.79 40.10 -9.67
N GLU B 18 25.54 40.41 -10.95
CA GLU B 18 24.59 41.47 -11.27
C GLU B 18 23.42 40.99 -12.13
N ARG B 19 23.16 39.68 -12.16
CA ARG B 19 21.88 39.11 -12.55
C ARG B 19 21.56 39.42 -14.02
N THR B 20 22.56 39.23 -14.88
CA THR B 20 22.34 39.48 -16.29
C THR B 20 22.25 38.19 -17.08
N ARG B 21 23.21 37.29 -16.92
CA ARG B 21 23.08 35.94 -17.45
C ARG B 21 22.48 35.04 -16.36
N LYS B 22 21.35 34.39 -16.69
CA LYS B 22 20.65 33.52 -15.75
C LYS B 22 20.44 32.17 -16.43
N TYR B 23 21.02 31.10 -15.87
CA TYR B 23 20.83 29.77 -16.43
C TYR B 23 20.44 28.77 -15.35
N GLY B 24 19.67 27.76 -15.76
CA GLY B 24 19.47 26.55 -14.98
C GLY B 24 20.39 25.47 -15.52
N ILE B 25 21.05 24.75 -14.60
CA ILE B 25 22.06 23.75 -14.93
C ILE B 25 21.76 22.47 -14.16
N GLY B 26 21.80 21.33 -14.88
CA GLY B 26 21.72 20.03 -14.25
C GLY B 26 23.12 19.50 -13.96
N ALA B 27 23.31 18.99 -12.74
CA ALA B 27 24.61 18.56 -12.21
C ALA B 27 24.40 17.68 -10.98
N ASN B 28 25.16 16.61 -10.89
CA ASN B 28 25.10 15.73 -9.73
C ASN B 28 26.32 15.89 -8.81
N SER B 29 27.17 16.85 -9.08
CA SER B 29 28.35 17.07 -8.27
C SER B 29 28.65 18.56 -8.26
N LEU B 30 29.34 19.02 -7.22
CA LEU B 30 29.73 20.41 -7.25
C LEU B 30 30.77 20.69 -8.33
N GLU B 31 31.53 19.68 -8.74
CA GLU B 31 32.47 19.95 -9.81
C GLU B 31 31.77 19.98 -11.17
N MSE B 32 30.78 19.11 -11.38
CA MSE B 32 30.03 19.18 -12.64
C MSE B 32 29.33 20.51 -12.77
O MSE B 32 29.31 21.12 -13.84
CB MSE B 32 29.01 18.05 -12.74
CG MSE B 32 28.21 18.06 -14.05
SE MSE B 32 26.97 16.74 -14.04
CE MSE B 32 26.63 16.48 -15.77
N LEU B 33 28.71 20.97 -11.68
CA LEU B 33 28.05 22.27 -11.72
C LEU B 33 29.07 23.38 -11.98
N ILE B 34 30.23 23.31 -11.34
CA ILE B 34 31.24 24.37 -11.50
C ILE B 34 31.75 24.41 -12.93
N ALA B 35 32.04 23.25 -13.51
CA ALA B 35 32.48 23.19 -14.89
C ALA B 35 31.47 23.88 -15.81
N LYS B 36 30.21 23.42 -15.75
CA LYS B 36 29.16 23.96 -16.59
C LYS B 36 28.99 25.46 -16.36
N ALA B 37 29.18 25.92 -15.12
CA ALA B 37 29.08 27.35 -14.84
C ALA B 37 30.17 28.14 -15.55
N LYS B 38 31.36 27.52 -15.68
CA LYS B 38 32.53 28.21 -16.23
C LYS B 38 32.44 28.36 -17.74
N SER B 39 31.98 27.32 -18.43
CA SER B 39 31.72 27.41 -19.87
C SER B 39 30.79 28.57 -20.21
N LYS B 40 29.84 28.88 -19.34
CA LYS B 40 28.92 29.97 -19.60
C LYS B 40 29.40 31.28 -19.03
N PHE B 41 30.58 31.33 -18.42
CA PHE B 41 30.98 32.55 -17.74
C PHE B 41 32.43 32.98 -17.99
N PRO B 42 32.66 34.29 -17.93
CA PRO B 42 34.01 34.81 -18.16
C PRO B 42 34.99 34.52 -17.03
N LEU B 43 34.51 34.43 -15.79
CA LEU B 43 35.38 34.25 -14.62
C LEU B 43 36.27 33.02 -14.79
N LEU B 44 37.59 33.19 -14.56
CA LEU B 44 38.58 32.16 -14.90
C LEU B 44 38.64 31.04 -13.85
N GLU B 45 38.42 31.34 -12.58
CA GLU B 45 38.21 30.30 -11.56
C GLU B 45 36.99 30.61 -10.76
N PRO B 46 35.89 29.89 -10.90
CA PRO B 46 34.60 30.34 -10.40
C PRO B 46 34.19 29.66 -9.12
N HIS B 47 33.53 30.39 -8.21
CA HIS B 47 33.07 29.83 -6.95
C HIS B 47 31.59 30.13 -6.76
N LEU B 48 30.89 29.19 -6.13
CA LEU B 48 29.43 29.28 -5.97
C LEU B 48 29.08 29.88 -4.63
N TYR B 49 28.14 30.80 -4.63
CA TYR B 49 27.68 31.41 -3.39
C TYR B 49 26.17 31.41 -3.38
N LEU B 50 25.61 31.14 -2.22
CA LEU B 50 24.17 31.24 -2.09
C LEU B 50 23.76 32.69 -2.30
N ALA B 51 22.81 32.91 -3.20
CA ALA B 51 22.29 34.25 -3.35
C ALA B 51 21.67 34.76 -2.04
N SER B 52 21.12 33.85 -1.23
CA SER B 52 20.43 34.22 0.01
C SER B 52 21.33 35.04 0.92
N ASP B 53 22.43 34.44 1.37
CA ASP B 53 23.32 35.00 2.39
C ASP B 53 24.77 35.16 1.92
N GLY B 54 25.14 34.59 0.79
CA GLY B 54 26.47 34.75 0.29
C GLY B 54 27.48 33.74 0.78
N PHE B 55 27.05 32.65 1.40
CA PHE B 55 28.00 31.65 1.84
C PHE B 55 28.54 30.85 0.65
N GLU B 56 29.81 30.48 0.73
CA GLU B 56 30.44 29.72 -0.34
C GLU B 56 30.05 28.25 -0.22
N VAL B 57 29.54 27.68 -1.30
CA VAL B 57 29.32 26.24 -1.35
C VAL B 57 30.71 25.63 -1.44
N SER B 58 31.26 25.17 -0.31
CA SER B 58 32.68 24.86 -0.25
C SER B 58 33.01 23.42 -0.66
N ASP B 59 32.14 22.46 -0.37
CA ASP B 59 32.35 21.07 -0.76
C ASP B 59 31.08 20.52 -1.40
N ASP B 60 31.24 19.39 -2.09
CA ASP B 60 30.11 18.78 -2.78
C ASP B 60 29.03 18.37 -1.78
N GLU B 61 29.41 17.91 -0.58
CA GLU B 61 28.40 17.49 0.38
C GLU B 61 27.49 18.65 0.76
N TYR B 62 28.05 19.84 0.97
CA TYR B 62 27.16 20.96 1.26
C TYR B 62 26.24 21.28 0.08
N LEU B 63 26.67 21.02 -1.16
CA LEU B 63 25.78 21.24 -2.31
C LEU B 63 24.58 20.29 -2.28
N LYS B 64 24.79 19.00 -1.98
CA LYS B 64 23.62 18.14 -1.85
C LYS B 64 22.84 18.39 -0.56
N SER B 65 23.43 19.08 0.42
CA SER B 65 22.65 19.61 1.51
C SER B 65 21.46 20.43 1.02
N LEU B 66 21.64 21.18 -0.09
CA LEU B 66 20.70 22.20 -0.53
C LEU B 66 19.54 21.64 -1.33
N PRO B 67 18.37 22.28 -1.25
CA PRO B 67 17.22 21.86 -2.08
C PRO B 67 17.45 22.25 -3.52
N ALA B 68 16.82 21.53 -4.44
CA ALA B 68 17.02 21.86 -5.85
C ALA B 68 16.45 23.24 -6.21
N GLN B 69 16.95 23.75 -7.34
CA GLN B 69 16.66 25.09 -7.86
C GLN B 69 17.02 26.18 -6.85
N THR B 70 17.97 25.94 -5.96
CA THR B 70 18.47 27.03 -5.15
C THR B 70 19.33 27.90 -6.06
N LEU B 71 19.23 29.20 -5.88
CA LEU B 71 19.95 30.14 -6.71
C LEU B 71 21.33 30.44 -6.15
N PHE B 72 22.34 30.29 -7.00
CA PHE B 72 23.71 30.62 -6.65
C PHE B 72 24.19 31.85 -7.41
N ILE B 73 25.02 32.64 -6.76
CA ILE B 73 25.84 33.62 -7.45
C ILE B 73 27.14 32.93 -7.81
N VAL B 74 27.59 33.07 -9.03
CA VAL B 74 28.93 32.62 -9.39
C VAL B 74 29.83 33.83 -9.51
N SER B 75 31.03 33.72 -8.95
CA SER B 75 31.93 34.86 -8.87
C SER B 75 33.35 34.37 -8.64
N GLY B 76 34.25 35.33 -8.42
CA GLY B 76 35.65 35.06 -8.20
C GLY B 76 35.90 34.48 -6.83
N PRO B 77 37.06 33.86 -6.65
CA PRO B 77 37.39 33.28 -5.35
C PRO B 77 37.50 34.36 -4.29
N ASP B 78 37.06 34.02 -3.08
CA ASP B 78 37.18 34.90 -1.90
C ASP B 78 36.62 36.30 -2.18
N ALA B 79 35.56 36.35 -3.00
CA ALA B 79 34.89 37.59 -3.34
C ALA B 79 33.54 37.60 -2.63
N VAL B 80 33.13 38.79 -2.17
CA VAL B 80 31.84 38.93 -1.50
C VAL B 80 30.79 39.45 -2.47
N ILE B 81 29.62 38.83 -2.39
CA ILE B 81 28.56 38.90 -3.38
C ILE B 81 27.47 39.79 -2.83
N THR B 82 26.75 40.44 -3.72
CA THR B 82 25.53 41.13 -3.35
C THR B 82 24.43 40.14 -3.03
N THR B 83 24.08 40.07 -1.74
CA THR B 83 22.88 39.36 -1.32
C THR B 83 21.65 39.78 -2.12
N ASP B 84 20.67 38.87 -2.14
CA ASP B 84 19.42 39.11 -2.85
C ASP B 84 18.68 40.30 -2.27
N ALA B 85 18.64 40.40 -0.95
CA ALA B 85 17.99 41.52 -0.29
C ALA B 85 18.58 42.85 -0.74
N ASP B 86 19.93 42.96 -0.68
CA ASP B 86 20.58 44.22 -0.99
C ASP B 86 20.63 44.46 -2.51
N PHE B 87 20.69 43.40 -3.33
CA PHE B 87 20.68 43.65 -4.77
C PHE B 87 19.33 44.20 -5.22
N GLU B 88 18.24 43.63 -4.72
CA GLU B 88 16.86 43.98 -5.07
C GLU B 88 16.31 45.16 -4.28
N PHE B 89 17.06 45.70 -3.32
CA PHE B 89 16.66 47.00 -2.79
C PHE B 89 17.61 48.08 -3.30
N GLU B 90 18.92 47.78 -3.42
CA GLU B 90 19.78 48.74 -4.07
C GLU B 90 19.34 48.97 -5.52
N LYS B 91 18.70 47.98 -6.13
CA LYS B 91 18.25 48.12 -7.52
C LYS B 91 17.11 49.13 -7.63
N MSE B 92 16.14 49.08 -6.70
CA MSE B 92 14.99 49.97 -6.78
C MSE B 92 15.36 51.41 -6.31
O MSE B 92 14.66 52.37 -6.66
CB MSE B 92 13.80 49.36 -5.98
CG MSE B 92 13.71 49.55 -4.45
SE MSE B 92 13.22 51.36 -3.88
CE MSE B 92 12.99 51.06 -1.96
N LEU B 93 16.48 51.56 -5.58
CA LEU B 93 16.97 52.88 -5.14
C LEU B 93 17.36 53.77 -6.33
N ALA C 7 14.62 7.11 -23.14
CA ALA C 7 14.25 8.45 -22.68
C ALA C 7 12.74 8.57 -22.74
N PRO C 8 12.13 9.14 -21.70
CA PRO C 8 10.66 9.18 -21.63
C PRO C 8 10.10 10.46 -22.23
N MSE C 9 9.04 10.39 -23.05
CA MSE C 9 8.46 11.59 -23.62
C MSE C 9 7.59 12.29 -22.58
O MSE C 9 6.77 11.65 -21.92
CB MSE C 9 7.63 11.26 -24.86
CG MSE C 9 7.37 12.44 -25.83
SE MSE C 9 8.59 12.53 -27.19
CE MSE C 9 8.47 10.86 -27.80
N ARG C 10 7.77 13.60 -22.41
CA ARG C 10 6.94 14.40 -21.50
C ARG C 10 6.40 15.66 -22.17
N GLY C 11 5.33 16.20 -21.62
CA GLY C 11 4.66 17.33 -22.21
C GLY C 11 5.11 18.63 -21.55
N TYR C 12 5.43 19.60 -22.38
CA TYR C 12 5.85 20.92 -21.94
C TYR C 12 5.02 21.94 -22.69
N LYS C 13 4.81 23.11 -22.05
CA LYS C 13 4.10 24.23 -22.66
C LYS C 13 5.06 25.35 -23.04
N VAL C 14 4.92 25.84 -24.28
CA VAL C 14 5.83 26.81 -24.90
C VAL C 14 5.06 28.00 -25.42
N THR C 15 5.61 29.19 -25.24
CA THR C 15 5.00 30.37 -25.84
C THR C 15 6.11 31.34 -26.22
N ASP C 16 5.79 32.28 -27.10
CA ASP C 16 6.68 33.41 -27.35
C ASP C 16 6.49 34.48 -26.27
N ASN C 17 7.39 35.47 -26.25
CA ASN C 17 7.40 36.42 -25.14
C ASN C 17 6.13 37.28 -25.12
N GLU C 18 5.44 37.42 -26.25
CA GLU C 18 4.26 38.25 -26.30
C GLU C 18 2.96 37.48 -25.98
N ARG C 19 3.08 36.21 -25.60
CA ARG C 19 1.96 35.32 -25.26
C ARG C 19 0.88 35.33 -26.35
N THR C 20 1.29 35.12 -27.58
CA THR C 20 0.32 35.03 -28.67
C THR C 20 0.18 33.61 -29.23
N ARG C 21 1.29 32.90 -29.40
CA ARG C 21 1.25 31.51 -29.87
C ARG C 21 1.56 30.57 -28.71
N LYS C 22 0.70 29.56 -28.50
CA LYS C 22 0.75 28.71 -27.30
C LYS C 22 0.62 27.25 -27.71
N TYR C 23 1.66 26.46 -27.47
CA TYR C 23 1.65 25.05 -27.87
C TYR C 23 2.05 24.12 -26.76
N GLY C 24 1.43 22.94 -26.76
CA GLY C 24 1.90 21.82 -25.97
C GLY C 24 2.74 20.90 -26.84
N ILE C 25 3.87 20.45 -26.30
CA ILE C 25 4.84 19.70 -27.08
C ILE C 25 5.34 18.49 -26.30
N GLY C 26 5.31 17.32 -26.97
CA GLY C 26 5.93 16.11 -26.44
C GLY C 26 7.39 16.03 -26.87
N ALA C 27 8.26 15.67 -25.93
CA ALA C 27 9.69 15.73 -26.18
C ALA C 27 10.42 14.91 -25.11
N ASN C 28 11.42 14.12 -25.55
CA ASN C 28 12.23 13.38 -24.58
C ASN C 28 13.61 13.97 -24.40
N SER C 29 13.93 15.07 -25.06
CA SER C 29 15.23 15.70 -24.92
C SER C 29 15.06 17.19 -25.09
N LEU C 30 15.99 17.96 -24.55
CA LEU C 30 15.91 19.39 -24.83
C LEU C 30 16.17 19.64 -26.32
N GLU C 31 16.86 18.73 -26.99
CA GLU C 31 17.07 18.86 -28.43
C GLU C 31 15.75 18.77 -29.17
N MSE C 32 14.98 17.68 -28.91
CA MSE C 32 13.69 17.49 -29.57
C MSE C 32 12.74 18.64 -29.29
O MSE C 32 12.06 19.13 -30.20
CB MSE C 32 13.03 16.18 -29.10
CG MSE C 32 11.69 15.91 -29.76
SE MSE C 32 10.82 14.45 -29.12
CE MSE C 32 11.79 13.07 -29.75
N LEU C 33 12.69 19.09 -28.04
CA LEU C 33 11.83 20.22 -27.70
C LEU C 33 12.22 21.48 -28.48
N ILE C 34 13.53 21.73 -28.63
CA ILE C 34 13.94 22.94 -29.34
C ILE C 34 13.61 22.83 -30.82
N ALA C 35 13.82 21.65 -31.40
CA ALA C 35 13.43 21.45 -32.79
C ALA C 35 11.96 21.76 -32.98
N LYS C 36 11.09 21.12 -32.20
CA LYS C 36 9.66 21.31 -32.37
C LYS C 36 9.24 22.76 -32.16
N ALA C 37 9.83 23.44 -31.17
CA ALA C 37 9.49 24.84 -30.99
C ALA C 37 9.92 25.66 -32.19
N LYS C 38 11.07 25.32 -32.80
CA LYS C 38 11.59 26.13 -33.90
C LYS C 38 10.67 26.06 -35.11
N SER C 39 10.19 24.86 -35.47
CA SER C 39 9.26 24.74 -36.58
C SER C 39 7.97 25.54 -36.33
N LYS C 40 7.56 25.70 -35.08
CA LYS C 40 6.39 26.52 -34.82
C LYS C 40 6.71 27.98 -34.51
N PHE C 41 7.97 28.40 -34.58
CA PHE C 41 8.18 29.79 -34.18
C PHE C 41 9.09 30.57 -35.12
N PRO C 42 8.78 31.88 -35.28
CA PRO C 42 9.56 32.76 -36.15
C PRO C 42 10.90 33.20 -35.57
N LEU C 43 11.75 32.27 -35.13
CA LEU C 43 13.03 32.64 -34.55
C LEU C 43 14.12 31.88 -35.28
N LEU C 44 15.28 32.52 -35.39
CA LEU C 44 16.32 31.88 -36.19
C LEU C 44 16.89 30.69 -35.44
N GLU C 45 17.59 30.94 -34.34
CA GLU C 45 18.03 29.87 -33.46
C GLU C 45 17.45 30.11 -32.08
N PRO C 46 16.67 29.17 -31.54
CA PRO C 46 15.80 29.50 -30.41
C PRO C 46 16.27 28.93 -29.08
N HIS C 47 16.01 29.66 -28.01
CA HIS C 47 16.41 29.26 -26.67
C HIS C 47 15.20 29.27 -25.76
N LEU C 48 15.20 28.36 -24.78
CA LEU C 48 14.08 28.21 -23.85
C LEU C 48 14.32 28.94 -22.54
N TYR C 49 13.30 29.62 -22.06
CA TYR C 49 13.41 30.30 -20.78
C TYR C 49 12.21 29.99 -19.91
N LEU C 50 12.45 29.82 -18.62
CA LEU C 50 11.34 29.64 -17.71
C LEU C 50 10.52 30.92 -17.62
N ALA C 51 9.22 30.80 -17.87
CA ALA C 51 8.32 31.93 -17.72
C ALA C 51 8.33 32.45 -16.29
N SER C 52 8.55 31.57 -15.32
CA SER C 52 8.51 31.96 -13.91
C SER C 52 9.47 33.11 -13.62
N ASP C 53 10.76 32.85 -13.80
CA ASP C 53 11.82 33.76 -13.39
C ASP C 53 12.69 34.28 -14.53
N GLY C 54 12.54 33.74 -15.74
CA GLY C 54 13.32 34.19 -16.86
C GLY C 54 14.65 33.50 -17.04
N PHE C 55 14.89 32.41 -16.30
CA PHE C 55 16.14 31.66 -16.43
C PHE C 55 16.15 30.83 -17.71
N GLU C 56 17.36 30.64 -18.26
CA GLU C 56 17.54 29.85 -19.48
C GLU C 56 17.68 28.37 -19.18
N VAL C 57 16.90 27.53 -19.85
CA VAL C 57 17.14 26.09 -19.81
C VAL C 57 18.40 25.83 -20.62
N SER C 58 19.56 25.63 -19.94
CA SER C 58 20.84 25.62 -20.65
C SER C 58 21.26 24.26 -21.19
N ASP C 59 20.91 23.19 -20.49
CA ASP C 59 21.25 21.84 -20.91
C ASP C 59 20.02 20.96 -20.74
N ASP C 60 20.07 19.78 -21.36
CA ASP C 60 18.98 18.83 -21.23
C ASP C 60 18.81 18.42 -19.77
N GLU C 61 19.92 18.35 -19.00
CA GLU C 61 19.83 17.90 -17.60
C GLU C 61 18.91 18.80 -16.80
N TYR C 62 19.06 20.11 -16.97
CA TYR C 62 18.18 21.03 -16.27
C TYR C 62 16.72 20.90 -16.70
N LEU C 63 16.47 20.51 -17.96
CA LEU C 63 15.09 20.35 -18.44
C LEU C 63 14.35 19.22 -17.73
N LYS C 64 14.95 18.03 -17.65
CA LYS C 64 14.23 16.96 -16.98
C LYS C 64 14.21 17.17 -15.45
N SER C 65 15.08 18.03 -14.93
CA SER C 65 14.90 18.58 -13.59
C SER C 65 13.52 19.20 -13.39
N LEU C 66 12.96 19.86 -14.43
CA LEU C 66 11.73 20.63 -14.26
C LEU C 66 10.51 19.71 -14.34
N PRO C 67 9.42 20.08 -13.66
CA PRO C 67 8.20 19.26 -13.75
C PRO C 67 7.53 19.35 -15.12
N ALA C 68 6.78 18.30 -15.46
CA ALA C 68 6.09 18.33 -16.74
C ALA C 68 5.08 19.47 -16.78
N GLN C 69 4.69 19.84 -18.00
CA GLN C 69 3.82 20.97 -18.27
C GLN C 69 4.37 22.25 -17.67
N THR C 70 5.69 22.34 -17.58
CA THR C 70 6.30 23.60 -17.20
C THR C 70 6.17 24.58 -18.37
N LEU C 71 5.90 25.85 -18.07
CA LEU C 71 5.75 26.85 -19.13
C LEU C 71 7.07 27.53 -19.45
N PHE C 72 7.44 27.51 -20.73
CA PHE C 72 8.62 28.16 -21.26
C PHE C 72 8.26 29.31 -22.19
N ILE C 73 9.07 30.38 -22.12
CA ILE C 73 9.15 31.41 -23.15
C ILE C 73 10.22 30.97 -24.13
N VAL C 74 9.94 31.06 -25.42
CA VAL C 74 10.95 30.83 -26.45
C VAL C 74 11.34 32.17 -27.06
N SER C 75 12.64 32.37 -27.24
CA SER C 75 13.11 33.67 -27.67
C SER C 75 14.51 33.51 -28.25
N GLY C 76 15.11 34.64 -28.62
CA GLY C 76 16.44 34.65 -29.20
C GLY C 76 17.51 34.37 -28.17
N PRO C 77 18.71 34.05 -28.62
CA PRO C 77 19.81 33.81 -27.66
C PRO C 77 20.11 35.05 -26.84
N ASP C 78 20.56 34.82 -25.60
CA ASP C 78 20.93 35.89 -24.67
C ASP C 78 19.78 36.89 -24.49
N ALA C 79 18.55 36.37 -24.47
CA ALA C 79 17.35 37.21 -24.42
C ALA C 79 16.90 37.44 -22.98
N VAL C 80 16.41 38.64 -22.72
CA VAL C 80 15.79 38.97 -21.44
C VAL C 80 14.28 38.90 -21.62
N ILE C 81 13.63 38.22 -20.69
CA ILE C 81 12.24 37.78 -20.83
C ILE C 81 11.35 38.62 -19.93
N THR C 82 10.17 38.96 -20.42
CA THR C 82 9.13 39.46 -19.54
C THR C 82 8.55 38.27 -18.77
N THR C 83 8.93 38.16 -17.49
CA THR C 83 8.46 37.09 -16.64
C THR C 83 6.96 37.16 -16.48
N ASP C 84 6.35 36.04 -16.06
CA ASP C 84 4.91 35.96 -15.91
C ASP C 84 4.36 37.01 -14.94
N ALA C 85 5.01 37.17 -13.77
CA ALA C 85 4.62 38.21 -12.83
C ALA C 85 4.69 39.59 -13.49
N ASP C 86 5.79 39.86 -14.19
CA ASP C 86 5.92 41.14 -14.86
C ASP C 86 5.05 41.16 -16.12
N PHE C 87 4.74 40.01 -16.71
CA PHE C 87 3.86 40.14 -17.88
C PHE C 87 2.46 40.53 -17.45
N GLU C 88 1.78 39.68 -16.67
CA GLU C 88 0.50 40.12 -16.11
C GLU C 88 0.45 41.58 -15.69
N PHE C 89 1.33 42.00 -14.78
CA PHE C 89 1.08 43.29 -14.17
C PHE C 89 1.11 44.40 -15.21
N GLU C 90 1.97 44.29 -16.23
CA GLU C 90 2.06 45.38 -17.21
C GLU C 90 0.88 45.42 -18.21
N LYS C 91 0.14 44.32 -18.45
CA LYS C 91 -1.07 44.44 -19.30
C LYS C 91 -2.30 44.88 -18.53
N MSE C 92 -2.44 44.38 -17.32
CA MSE C 92 -3.49 44.91 -16.50
C MSE C 92 -3.38 46.43 -16.50
O MSE C 92 -4.37 47.13 -16.74
CB MSE C 92 -3.43 44.30 -15.12
CG MSE C 92 -4.30 45.04 -14.17
SE MSE C 92 -4.50 44.12 -12.65
CE MSE C 92 -2.95 44.48 -11.86
N LEU C 93 -2.15 46.94 -16.37
CA LEU C 93 -1.83 48.36 -16.58
C LEU C 93 -2.20 48.83 -18.00
N ALA D 7 -1.00 1.24 -29.82
CA ALA D 7 -1.52 2.44 -29.17
C ALA D 7 -2.87 2.16 -28.50
N PRO D 8 -3.04 2.63 -27.26
CA PRO D 8 -4.25 2.36 -26.47
C PRO D 8 -5.30 3.45 -26.64
N MSE D 9 -6.57 3.04 -26.73
CA MSE D 9 -7.66 4.00 -26.92
C MSE D 9 -7.97 4.72 -25.59
O MSE D 9 -8.05 4.09 -24.55
CB MSE D 9 -8.90 3.28 -27.45
CG MSE D 9 -9.91 4.21 -28.12
SE MSE D 9 -9.60 4.36 -29.90
CE MSE D 9 -9.51 2.64 -30.36
N ARG D 10 -8.13 6.04 -25.65
CA ARG D 10 -8.37 6.84 -24.45
C ARG D 10 -9.58 7.75 -24.64
N GLY D 11 -10.24 8.12 -23.55
CA GLY D 11 -11.46 8.90 -23.65
C GLY D 11 -11.19 10.38 -23.43
N TYR D 12 -11.73 11.21 -24.32
CA TYR D 12 -11.57 12.65 -24.19
C TYR D 12 -12.90 13.36 -24.37
N LYS D 13 -13.03 14.52 -23.72
CA LYS D 13 -14.19 15.38 -23.85
C LYS D 13 -13.81 16.57 -24.73
N VAL D 14 -14.62 16.81 -25.77
CA VAL D 14 -14.35 17.83 -26.79
C VAL D 14 -15.56 18.74 -26.89
N THR D 15 -15.33 20.04 -27.00
CA THR D 15 -16.45 20.95 -27.20
C THR D 15 -15.99 22.08 -28.11
N ASP D 16 -16.97 22.83 -28.65
CA ASP D 16 -16.67 24.04 -29.42
C ASP D 16 -16.43 25.25 -28.49
N ASN D 17 -15.94 26.34 -29.09
CA ASN D 17 -15.49 27.49 -28.31
C ASN D 17 -16.64 28.20 -27.61
N GLU D 18 -17.87 27.97 -28.06
CA GLU D 18 -19.06 28.49 -27.40
C GLU D 18 -19.66 27.46 -26.46
N ARG D 19 -19.14 26.24 -26.47
CA ARG D 19 -19.52 25.21 -25.51
C ARG D 19 -21.00 24.84 -25.61
N THR D 20 -21.44 24.57 -26.84
CA THR D 20 -22.82 24.19 -27.11
C THR D 20 -22.96 22.70 -27.43
N ARG D 21 -22.15 22.19 -28.35
CA ARG D 21 -22.06 20.75 -28.58
C ARG D 21 -20.93 20.18 -27.74
N LYS D 22 -21.17 19.03 -27.13
CA LYS D 22 -20.25 18.46 -26.14
C LYS D 22 -20.20 16.96 -26.33
N TYR D 23 -19.03 16.42 -26.71
CA TYR D 23 -18.93 15.01 -27.02
C TYR D 23 -17.79 14.32 -26.29
N GLY D 24 -18.01 13.06 -25.94
CA GLY D 24 -16.94 12.17 -25.48
C GLY D 24 -16.46 11.33 -26.62
N ILE D 25 -15.13 11.25 -26.79
CA ILE D 25 -14.54 10.60 -27.94
C ILE D 25 -13.41 9.66 -27.53
N GLY D 26 -13.47 8.44 -28.03
CA GLY D 26 -12.36 7.49 -27.88
C GLY D 26 -11.39 7.63 -29.05
N ALA D 27 -10.10 7.65 -28.74
CA ALA D 27 -9.06 7.93 -29.72
C ALA D 27 -7.70 7.48 -29.17
N ASN D 28 -6.91 6.80 -30.00
CA ASN D 28 -5.55 6.41 -29.61
C ASN D 28 -4.47 7.25 -30.28
N SER D 29 -4.85 8.27 -31.04
CA SER D 29 -3.90 9.16 -31.70
C SER D 29 -4.50 10.55 -31.77
N LEU D 30 -3.64 11.55 -31.93
CA LEU D 30 -4.15 12.90 -32.13
C LEU D 30 -4.87 13.02 -33.48
N GLU D 31 -4.53 12.16 -34.44
CA GLU D 31 -5.24 12.23 -35.71
C GLU D 31 -6.63 11.61 -35.57
N MSE D 32 -6.74 10.43 -34.92
CA MSE D 32 -8.06 9.82 -34.73
C MSE D 32 -8.97 10.78 -33.99
O MSE D 32 -10.14 10.95 -34.37
CB MSE D 32 -7.95 8.50 -33.97
CG MSE D 32 -9.30 7.79 -33.78
SE MSE D 32 -9.27 6.26 -32.82
CE MSE D 32 -8.41 5.11 -33.90
N LEU D 33 -8.47 11.44 -32.96
CA LEU D 33 -9.27 12.41 -32.24
C LEU D 33 -9.66 13.60 -33.14
N ILE D 34 -8.73 14.10 -33.95
CA ILE D 34 -9.03 15.24 -34.81
C ILE D 34 -10.02 14.85 -35.91
N ALA D 35 -9.82 13.68 -36.52
CA ALA D 35 -10.78 13.17 -37.48
C ALA D 35 -12.19 13.10 -36.88
N LYS D 36 -12.31 12.37 -35.77
CA LYS D 36 -13.60 12.22 -35.10
C LYS D 36 -14.16 13.57 -34.69
N ALA D 37 -13.30 14.49 -34.28
CA ALA D 37 -13.81 15.80 -33.91
C ALA D 37 -14.47 16.47 -35.10
N LYS D 38 -13.83 16.40 -36.27
CA LYS D 38 -14.37 17.15 -37.40
C LYS D 38 -15.63 16.51 -37.96
N SER D 39 -15.65 15.17 -38.06
CA SER D 39 -16.88 14.50 -38.49
C SER D 39 -18.10 15.07 -37.77
N LYS D 40 -17.92 15.49 -36.55
CA LYS D 40 -18.94 16.08 -35.72
C LYS D 40 -18.92 17.60 -35.68
N PHE D 41 -18.04 18.25 -36.43
CA PHE D 41 -17.97 19.70 -36.30
C PHE D 41 -17.88 20.43 -37.61
N PRO D 42 -18.44 21.62 -37.68
CA PRO D 42 -18.44 22.45 -38.89
C PRO D 42 -17.09 23.05 -39.27
N LEU D 43 -15.98 22.42 -38.91
CA LEU D 43 -14.67 23.05 -39.10
C LEU D 43 -14.02 22.63 -40.41
N LEU D 44 -13.27 23.57 -40.99
CA LEU D 44 -12.50 23.34 -42.21
C LEU D 44 -11.24 22.54 -41.90
N GLU D 45 -10.43 23.03 -40.97
CA GLU D 45 -9.31 22.32 -40.39
C GLU D 45 -9.38 22.49 -38.87
N PRO D 46 -9.70 21.44 -38.14
CA PRO D 46 -9.96 21.59 -36.71
C PRO D 46 -8.68 21.45 -35.90
N HIS D 47 -8.61 22.24 -34.83
CA HIS D 47 -7.46 22.18 -33.94
C HIS D 47 -7.93 22.04 -32.49
N LEU D 48 -7.17 21.28 -31.72
CA LEU D 48 -7.54 21.03 -30.33
C LEU D 48 -6.79 21.98 -29.43
N TYR D 49 -7.49 22.54 -28.46
CA TYR D 49 -6.87 23.40 -27.49
C TYR D 49 -7.33 22.96 -26.12
N LEU D 50 -6.43 23.04 -25.15
CA LEU D 50 -6.88 22.78 -23.79
C LEU D 50 -7.88 23.86 -23.40
N ALA D 51 -9.05 23.43 -22.92
CA ALA D 51 -10.01 24.39 -22.39
C ALA D 51 -9.45 25.16 -21.20
N SER D 52 -8.60 24.52 -20.39
CA SER D 52 -8.07 25.13 -19.18
C SER D 52 -7.33 26.43 -19.49
N ASP D 53 -6.26 26.36 -20.30
CA ASP D 53 -5.43 27.53 -20.58
C ASP D 53 -5.41 27.93 -22.04
N GLY D 54 -5.87 27.08 -22.95
CA GLY D 54 -5.92 27.46 -24.35
C GLY D 54 -4.72 27.13 -25.20
N PHE D 55 -3.79 26.33 -24.70
CA PHE D 55 -2.64 25.92 -25.51
C PHE D 55 -3.07 24.93 -26.57
N GLU D 56 -2.44 25.00 -27.74
CA GLU D 56 -2.78 24.08 -28.81
C GLU D 56 -2.13 22.74 -28.59
N VAL D 57 -2.92 21.67 -28.63
CA VAL D 57 -2.37 20.31 -28.63
C VAL D 57 -1.71 20.04 -29.98
N SER D 58 -0.39 20.21 -30.06
CA SER D 58 0.31 20.24 -31.33
C SER D 58 0.82 18.87 -31.82
N ASP D 59 1.11 17.93 -30.93
CA ASP D 59 1.65 16.63 -31.31
C ASP D 59 0.80 15.54 -30.71
N ASP D 60 0.90 14.33 -31.27
CA ASP D 60 0.28 13.22 -30.57
C ASP D 60 0.96 13.05 -29.21
N GLU D 61 2.26 13.34 -29.16
CA GLU D 61 3.02 13.18 -27.92
C GLU D 61 2.50 14.10 -26.83
N TYR D 62 2.28 15.38 -27.14
CA TYR D 62 1.74 16.26 -26.10
C TYR D 62 0.35 15.82 -25.66
N LEU D 63 -0.42 15.19 -26.56
CA LEU D 63 -1.76 14.67 -26.22
C LEU D 63 -1.69 13.56 -25.17
N LYS D 64 -0.80 12.60 -25.38
CA LYS D 64 -0.72 11.52 -24.40
C LYS D 64 -0.07 11.99 -23.09
N SER D 65 0.62 13.12 -23.11
CA SER D 65 0.94 13.81 -21.88
C SER D 65 -0.30 14.09 -21.04
N LEU D 66 -1.42 14.36 -21.69
CA LEU D 66 -2.56 14.84 -20.95
C LEU D 66 -3.35 13.69 -20.33
N PRO D 67 -3.98 13.92 -19.18
CA PRO D 67 -4.81 12.87 -18.56
C PRO D 67 -6.10 12.64 -19.35
N ALA D 68 -6.67 11.44 -19.14
CA ALA D 68 -7.92 11.11 -19.81
C ALA D 68 -9.04 12.05 -19.38
N GLN D 69 -10.05 12.14 -20.25
CA GLN D 69 -11.20 13.03 -20.07
C GLN D 69 -10.77 14.49 -19.88
N THR D 70 -9.65 14.87 -20.48
CA THR D 70 -9.28 16.29 -20.53
C THR D 70 -10.20 16.99 -21.53
N LEU D 71 -10.63 18.20 -21.18
CA LEU D 71 -11.55 18.94 -22.02
C LEU D 71 -10.80 19.80 -23.03
N PHE D 72 -11.15 19.63 -24.30
CA PHE D 72 -10.60 20.42 -25.38
C PHE D 72 -11.67 21.28 -26.01
N ILE D 73 -11.26 22.47 -26.41
CA ILE D 73 -11.98 23.24 -27.41
C ILE D 73 -11.42 22.86 -28.77
N VAL D 74 -12.31 22.57 -29.71
CA VAL D 74 -11.97 22.37 -31.11
C VAL D 74 -12.35 23.65 -31.85
N SER D 75 -11.46 24.14 -32.71
CA SER D 75 -11.64 25.49 -33.23
C SER D 75 -10.81 25.67 -34.50
N GLY D 76 -10.74 26.92 -34.94
CA GLY D 76 -10.08 27.33 -36.14
C GLY D 76 -8.59 27.12 -36.01
N PRO D 77 -7.86 27.20 -37.13
CA PRO D 77 -6.42 26.94 -37.09
C PRO D 77 -5.64 27.80 -36.12
N ASP D 78 -5.53 29.13 -36.27
CA ASP D 78 -4.92 29.77 -35.10
C ASP D 78 -5.90 30.73 -34.45
N ALA D 79 -7.13 30.24 -34.24
CA ALA D 79 -8.11 30.91 -33.41
C ALA D 79 -7.67 30.90 -31.95
N VAL D 80 -8.04 31.98 -31.23
CA VAL D 80 -7.81 32.15 -29.80
C VAL D 80 -9.08 31.76 -29.05
N ILE D 81 -8.89 31.03 -27.92
CA ILE D 81 -9.95 30.30 -27.23
C ILE D 81 -10.39 31.08 -26.01
N THR D 82 -11.70 31.08 -25.75
CA THR D 82 -12.20 31.52 -24.46
C THR D 82 -11.90 30.46 -23.40
N THR D 83 -10.93 30.70 -22.54
CA THR D 83 -10.62 29.72 -21.51
C THR D 83 -11.81 29.49 -20.58
N ASP D 84 -11.80 28.34 -19.89
CA ASP D 84 -12.88 27.97 -18.99
C ASP D 84 -13.11 29.02 -17.91
N ALA D 85 -12.03 29.53 -17.32
CA ALA D 85 -12.15 30.62 -16.34
C ALA D 85 -12.90 31.81 -16.93
N ASP D 86 -12.55 32.16 -18.17
CA ASP D 86 -13.14 33.32 -18.82
C ASP D 86 -14.54 33.06 -19.36
N PHE D 87 -14.83 31.84 -19.81
CA PHE D 87 -16.16 31.54 -20.35
C PHE D 87 -17.21 31.51 -19.23
N GLU D 88 -16.87 30.83 -18.12
CA GLU D 88 -17.63 30.77 -16.87
C GLU D 88 -17.92 32.15 -16.30
N PHE D 89 -16.98 33.08 -16.47
CA PHE D 89 -17.06 34.39 -15.86
C PHE D 89 -17.81 35.34 -16.77
N GLU D 90 -17.79 35.06 -18.08
CA GLU D 90 -18.47 35.91 -19.04
C GLU D 90 -19.99 35.79 -18.91
N LYS D 91 -20.50 34.59 -18.67
CA LYS D 91 -21.93 34.40 -18.62
C LYS D 91 -22.46 34.46 -17.19
N MSE D 92 -21.68 35.03 -16.27
CA MSE D 92 -22.22 35.48 -15.01
C MSE D 92 -22.07 37.02 -14.95
O MSE D 92 -21.93 37.68 -16.00
CB MSE D 92 -21.50 34.81 -13.84
CG MSE D 92 -20.20 35.48 -13.40
SE MSE D 92 -20.47 36.73 -12.12
CE MSE D 92 -18.82 37.35 -11.79
N ALA E 7 -16.44 -7.04 -26.14
CA ALA E 7 -16.45 -8.42 -25.67
C ALA E 7 -16.99 -8.54 -24.24
N PRO E 8 -16.47 -7.76 -23.26
CA PRO E 8 -16.91 -8.01 -21.87
C PRO E 8 -18.19 -7.25 -21.56
N MSE E 9 -19.18 -7.94 -21.01
CA MSE E 9 -20.43 -7.28 -20.67
C MSE E 9 -20.24 -6.47 -19.39
O MSE E 9 -19.69 -6.96 -18.42
CB MSE E 9 -21.55 -8.30 -20.49
CG MSE E 9 -22.97 -7.76 -20.60
SE MSE E 9 -23.67 -7.85 -22.28
CE MSE E 9 -23.36 -9.59 -22.65
N ARG E 10 -20.66 -5.21 -19.40
CA ARG E 10 -20.50 -4.32 -18.25
C ARG E 10 -21.84 -3.70 -17.89
N GLY E 11 -21.99 -3.30 -16.64
CA GLY E 11 -23.25 -2.77 -16.16
C GLY E 11 -23.21 -1.27 -16.11
N TYR E 12 -24.26 -0.64 -16.65
CA TYR E 12 -24.41 0.80 -16.64
C TYR E 12 -25.79 1.15 -16.11
N LYS E 13 -25.92 2.35 -15.55
CA LYS E 13 -27.21 2.85 -15.06
C LYS E 13 -27.69 3.98 -15.95
N VAL E 14 -28.94 3.86 -16.44
CA VAL E 14 -29.54 4.74 -17.43
C VAL E 14 -30.86 5.29 -16.89
N THR E 15 -31.11 6.57 -17.14
CA THR E 15 -32.38 7.19 -16.77
C THR E 15 -32.71 8.29 -17.79
N ASP E 16 -33.98 8.74 -17.79
CA ASP E 16 -34.44 9.87 -18.60
C ASP E 16 -34.10 11.21 -17.93
N ASN E 17 -34.33 12.31 -18.66
CA ASN E 17 -33.86 13.62 -18.19
C ASN E 17 -34.58 14.10 -16.93
N GLU E 18 -35.75 13.56 -16.61
CA GLU E 18 -36.42 13.94 -15.37
C GLU E 18 -36.25 12.87 -14.28
N ARG E 19 -35.43 11.85 -14.56
CA ARG E 19 -34.95 10.88 -13.57
C ARG E 19 -36.10 10.18 -12.84
N THR E 20 -37.03 9.67 -13.64
CA THR E 20 -38.18 8.92 -13.16
C THR E 20 -38.10 7.43 -13.47
N ARG E 21 -37.61 7.05 -14.64
CA ARG E 21 -37.45 5.64 -14.99
C ARG E 21 -35.96 5.28 -14.95
N LYS E 22 -35.57 4.49 -13.94
CA LYS E 22 -34.18 4.21 -13.62
C LYS E 22 -33.92 2.72 -13.81
N TYR E 23 -33.03 2.37 -14.74
CA TYR E 23 -32.71 0.98 -15.02
C TYR E 23 -31.20 0.73 -15.02
N GLY E 24 -30.81 -0.45 -14.58
CA GLY E 24 -29.46 -0.97 -14.80
C GLY E 24 -29.45 -1.93 -15.98
N ILE E 25 -28.50 -1.74 -16.89
CA ILE E 25 -28.48 -2.48 -18.15
C ILE E 25 -27.08 -3.05 -18.40
N GLY E 26 -27.03 -4.35 -18.73
CA GLY E 26 -25.78 -4.99 -19.13
C GLY E 26 -25.56 -4.84 -20.62
N ALA E 27 -24.31 -4.49 -21.00
CA ALA E 27 -24.02 -4.17 -22.39
C ALA E 27 -22.52 -4.25 -22.64
N ASN E 28 -22.14 -4.87 -23.76
CA ASN E 28 -20.73 -4.93 -24.15
C ASN E 28 -20.43 -4.02 -25.34
N SER E 29 -21.38 -3.23 -25.78
CA SER E 29 -21.14 -2.30 -26.86
C SER E 29 -22.04 -1.11 -26.63
N LEU E 30 -21.66 0.04 -27.20
CA LEU E 30 -22.56 1.18 -27.12
C LEU E 30 -23.83 0.92 -27.90
N GLU E 31 -23.72 0.05 -28.91
CA GLU E 31 -24.90 -0.30 -29.68
C GLU E 31 -25.88 -1.05 -28.79
N MSE E 32 -25.42 -2.13 -28.14
CA MSE E 32 -26.29 -2.90 -27.27
C MSE E 32 -26.89 -2.03 -26.18
O MSE E 32 -28.09 -2.10 -25.90
CB MSE E 32 -25.52 -4.07 -26.64
CG MSE E 32 -26.40 -4.95 -25.76
SE MSE E 32 -25.44 -6.20 -24.94
CE MSE E 32 -24.97 -7.26 -26.32
N LEU E 33 -26.09 -1.18 -25.56
CA LEU E 33 -26.63 -0.32 -24.52
C LEU E 33 -27.75 0.55 -25.08
N ILE E 34 -27.56 1.12 -26.28
CA ILE E 34 -28.58 2.00 -26.86
C ILE E 34 -29.83 1.22 -27.22
N ALA E 35 -29.66 0.03 -27.81
CA ALA E 35 -30.78 -0.82 -28.16
C ALA E 35 -31.65 -1.11 -26.95
N LYS E 36 -31.06 -1.66 -25.88
CA LYS E 36 -31.79 -1.96 -24.67
C LYS E 36 -32.42 -0.71 -24.07
N ALA E 37 -31.71 0.41 -24.15
CA ALA E 37 -32.25 1.66 -23.62
C ALA E 37 -33.51 2.06 -24.37
N LYS E 38 -33.56 1.81 -25.69
CA LYS E 38 -34.67 2.30 -26.50
C LYS E 38 -35.95 1.53 -26.22
N SER E 39 -35.83 0.23 -25.94
CA SER E 39 -37.00 -0.58 -25.65
C SER E 39 -37.67 -0.17 -24.34
N LYS E 40 -36.90 0.33 -23.39
CA LYS E 40 -37.50 0.79 -22.15
C LYS E 40 -37.77 2.29 -22.15
N PHE E 41 -37.54 2.99 -23.24
CA PHE E 41 -37.77 4.42 -23.16
C PHE E 41 -38.58 4.95 -24.35
N PRO E 42 -39.43 6.00 -24.09
CA PRO E 42 -40.29 6.62 -25.11
C PRO E 42 -39.52 7.54 -26.04
N LEU E 43 -38.51 7.01 -26.72
CA LEU E 43 -37.72 7.86 -27.61
C LEU E 43 -37.55 7.20 -28.97
N LEU E 44 -37.49 8.09 -29.98
CA LEU E 44 -37.38 7.72 -31.39
C LEU E 44 -35.98 7.26 -31.75
N GLU E 45 -35.05 8.21 -31.84
CA GLU E 45 -33.63 7.89 -31.99
C GLU E 45 -32.91 8.34 -30.71
N PRO E 46 -32.44 7.43 -29.87
CA PRO E 46 -32.04 7.82 -28.51
C PRO E 46 -30.53 7.93 -28.35
N HIS E 47 -30.05 8.88 -27.55
CA HIS E 47 -28.62 9.09 -27.36
C HIS E 47 -28.25 9.17 -25.87
N LEU E 48 -27.06 8.68 -25.55
CA LEU E 48 -26.58 8.57 -24.18
C LEU E 48 -25.74 9.78 -23.80
N TYR E 49 -25.98 10.32 -22.60
CA TYR E 49 -25.15 11.42 -22.15
C TYR E 49 -24.76 11.19 -20.69
N LEU E 50 -23.55 11.60 -20.35
CA LEU E 50 -23.12 11.51 -18.96
C LEU E 50 -23.96 12.47 -18.13
N ALA E 51 -24.61 11.92 -17.09
CA ALA E 51 -25.37 12.74 -16.14
C ALA E 51 -24.48 13.75 -15.43
N SER E 52 -23.20 13.41 -15.25
CA SER E 52 -22.27 14.28 -14.56
C SER E 52 -22.19 15.65 -15.24
N ASP E 53 -21.72 15.69 -16.48
CA ASP E 53 -21.49 16.94 -17.19
C ASP E 53 -22.34 17.11 -18.44
N GLY E 54 -22.98 16.04 -18.93
CA GLY E 54 -23.82 16.14 -20.09
C GLY E 54 -23.17 15.91 -21.42
N PHE E 55 -21.95 15.41 -21.46
CA PHE E 55 -21.33 15.13 -22.75
C PHE E 55 -21.96 13.90 -23.40
N GLU E 56 -22.03 13.94 -24.72
CA GLU E 56 -22.60 12.82 -25.48
C GLU E 56 -21.57 11.71 -25.61
N VAL E 57 -21.97 10.49 -25.26
CA VAL E 57 -21.18 9.30 -25.50
C VAL E 57 -21.17 8.99 -27.00
N SER E 58 -20.08 9.33 -27.70
CA SER E 58 -20.05 9.32 -29.16
C SER E 58 -19.65 7.99 -29.76
N ASP E 59 -18.77 7.24 -29.12
CA ASP E 59 -18.26 6.02 -29.71
C ASP E 59 -18.45 4.88 -28.76
N ASP E 60 -18.31 3.68 -29.30
CA ASP E 60 -18.19 2.57 -28.39
C ASP E 60 -16.94 2.76 -27.56
N GLU E 61 -15.90 3.33 -28.18
CA GLU E 61 -14.66 3.56 -27.47
C GLU E 61 -14.85 4.55 -26.32
N TYR E 62 -15.52 5.67 -26.56
CA TYR E 62 -15.69 6.56 -25.43
C TYR E 62 -16.53 5.92 -24.32
N LEU E 63 -17.48 5.03 -24.67
CA LEU E 63 -18.24 4.37 -23.62
C LEU E 63 -17.33 3.49 -22.76
N LYS E 64 -16.48 2.68 -23.41
CA LYS E 64 -15.60 1.78 -22.67
C LYS E 64 -14.46 2.53 -21.97
N SER E 65 -14.22 3.79 -22.35
CA SER E 65 -13.48 4.72 -21.50
C SER E 65 -14.08 4.86 -20.10
N LEU E 66 -15.42 4.79 -19.97
CA LEU E 66 -16.03 5.15 -18.68
C LEU E 66 -16.08 3.97 -17.69
N PRO E 67 -16.09 4.27 -16.39
CA PRO E 67 -16.20 3.20 -15.40
C PRO E 67 -17.59 2.58 -15.37
N ALA E 68 -17.66 1.35 -14.87
CA ALA E 68 -18.95 0.69 -14.77
C ALA E 68 -19.90 1.48 -13.85
N GLN E 69 -21.19 1.20 -14.00
CA GLN E 69 -22.29 1.87 -13.27
C GLN E 69 -22.20 3.38 -13.42
N THR E 70 -21.66 3.83 -14.55
CA THR E 70 -21.75 5.26 -14.82
C THR E 70 -23.19 5.59 -15.19
N LEU E 71 -23.65 6.73 -14.71
CA LEU E 71 -25.03 7.12 -14.93
C LEU E 71 -25.14 7.90 -16.23
N PHE E 72 -26.01 7.42 -17.09
CA PHE E 72 -26.32 8.09 -18.34
C PHE E 72 -27.75 8.60 -18.34
N ILE E 73 -27.92 9.80 -18.89
CA ILE E 73 -29.21 10.28 -19.32
C ILE E 73 -29.37 9.88 -20.78
N VAL E 74 -30.51 9.27 -21.11
CA VAL E 74 -30.88 8.97 -22.49
C VAL E 74 -31.95 9.96 -22.92
N SER E 75 -31.79 10.54 -24.11
CA SER E 75 -32.63 11.64 -24.53
C SER E 75 -32.53 11.78 -26.05
N GLY E 76 -33.03 12.91 -26.54
CA GLY E 76 -33.06 13.20 -27.96
C GLY E 76 -31.67 13.42 -28.53
N PRO E 77 -31.58 13.53 -29.86
CA PRO E 77 -30.28 13.71 -30.51
C PRO E 77 -29.47 14.93 -30.09
N ASP E 78 -29.97 16.15 -30.20
CA ASP E 78 -29.15 17.22 -29.63
C ASP E 78 -29.85 17.74 -28.38
N ALA E 79 -30.27 16.81 -27.52
CA ALA E 79 -30.88 17.23 -26.28
C ALA E 79 -29.82 17.82 -25.37
N VAL E 80 -30.18 18.91 -24.69
CA VAL E 80 -29.36 19.49 -23.63
C VAL E 80 -29.96 19.07 -22.31
N ILE E 81 -29.12 18.58 -21.41
CA ILE E 81 -29.57 17.86 -20.22
C ILE E 81 -29.37 18.69 -18.98
N THR E 82 -30.31 18.55 -18.06
CA THR E 82 -30.14 19.01 -16.70
C THR E 82 -29.09 18.12 -16.02
N THR E 83 -27.92 18.69 -15.78
CA THR E 83 -26.86 17.92 -15.14
C THR E 83 -27.30 17.46 -13.76
N ASP E 84 -26.62 16.43 -13.24
CA ASP E 84 -26.94 15.97 -11.89
C ASP E 84 -26.82 17.11 -10.88
N ALA E 85 -25.74 17.90 -11.01
CA ALA E 85 -25.55 19.07 -10.14
C ALA E 85 -26.73 20.02 -10.20
N ASP E 86 -27.17 20.34 -11.41
CA ASP E 86 -28.28 21.28 -11.59
C ASP E 86 -29.63 20.62 -11.34
N PHE E 87 -29.78 19.33 -11.62
CA PHE E 87 -31.06 18.66 -11.43
C PHE E 87 -31.43 18.51 -9.97
N GLU E 88 -30.44 18.20 -9.12
CA GLU E 88 -30.69 18.04 -7.70
C GLU E 88 -30.72 19.37 -6.96
N PHE E 89 -30.20 20.43 -7.59
CA PHE E 89 -30.31 21.78 -7.04
C PHE E 89 -31.69 22.38 -7.28
N GLU E 90 -32.25 22.21 -8.49
CA GLU E 90 -33.63 22.63 -8.69
C GLU E 90 -34.57 21.97 -7.68
N LYS E 91 -34.26 20.75 -7.25
CA LYS E 91 -34.96 20.09 -6.14
C LYS E 91 -34.62 20.77 -4.80
N ALA F 7 -24.45 -19.59 -15.15
CA ALA F 7 -23.99 -20.90 -14.70
C ALA F 7 -23.70 -20.96 -13.19
N PRO F 8 -22.95 -19.95 -12.60
CA PRO F 8 -22.53 -20.07 -11.18
C PRO F 8 -23.58 -19.55 -10.20
N MSE F 9 -23.86 -20.32 -9.15
CA MSE F 9 -24.82 -19.87 -8.15
C MSE F 9 -24.19 -18.77 -7.31
O MSE F 9 -23.05 -18.91 -6.86
CB MSE F 9 -25.27 -21.02 -7.24
CG MSE F 9 -26.40 -21.87 -7.77
SE MSE F 9 -27.86 -20.87 -8.07
CE MSE F 9 -29.00 -21.41 -6.84
N ARG F 10 -24.89 -17.66 -7.12
CA ARG F 10 -24.37 -16.59 -6.28
C ARG F 10 -25.45 -16.16 -5.29
N GLY F 11 -25.02 -15.59 -4.17
CA GLY F 11 -25.95 -15.25 -3.10
C GLY F 11 -26.29 -13.76 -3.19
N TYR F 12 -27.59 -13.47 -3.12
CA TYR F 12 -28.06 -12.09 -3.15
C TYR F 12 -29.01 -11.93 -1.94
N LYS F 13 -29.27 -10.67 -1.56
CA LYS F 13 -30.16 -10.37 -0.44
C LYS F 13 -31.38 -9.60 -0.93
N VAL F 14 -32.56 -10.06 -0.50
CA VAL F 14 -33.85 -9.59 -0.98
C VAL F 14 -34.70 -9.12 0.20
N THR F 15 -35.36 -7.98 0.03
CA THR F 15 -36.31 -7.55 1.02
C THR F 15 -37.42 -6.82 0.29
N ASP F 16 -38.55 -6.67 0.97
CA ASP F 16 -39.59 -5.82 0.43
C ASP F 16 -39.31 -4.36 0.77
N ASN F 17 -40.12 -3.46 0.21
CA ASN F 17 -39.87 -2.05 0.42
C ASN F 17 -40.04 -1.64 1.89
N GLU F 18 -40.45 -2.56 2.77
CA GLU F 18 -40.70 -2.21 4.16
C GLU F 18 -39.74 -2.85 5.17
N ARG F 19 -38.74 -3.61 4.71
CA ARG F 19 -37.70 -4.22 5.56
C ARG F 19 -38.32 -5.07 6.67
N THR F 20 -39.27 -5.90 6.25
CA THR F 20 -40.02 -6.81 7.11
C THR F 20 -39.52 -8.18 6.99
N ARG F 21 -39.72 -8.83 5.84
CA ARG F 21 -39.07 -10.06 5.45
C ARG F 21 -37.70 -9.72 4.90
N LYS F 22 -36.70 -10.52 5.25
CA LYS F 22 -35.34 -10.39 4.74
C LYS F 22 -34.87 -11.80 4.45
N TYR F 23 -34.53 -12.09 3.19
CA TYR F 23 -34.05 -13.42 2.81
C TYR F 23 -32.73 -13.32 2.05
N GLY F 24 -31.89 -14.33 2.23
CA GLY F 24 -30.76 -14.57 1.36
C GLY F 24 -31.13 -15.68 0.39
N ILE F 25 -30.86 -15.46 -0.89
CA ILE F 25 -31.28 -16.37 -1.96
C ILE F 25 -30.10 -16.62 -2.91
N GLY F 26 -29.90 -17.89 -3.24
CA GLY F 26 -28.95 -18.27 -4.27
C GLY F 26 -29.65 -18.33 -5.62
N ALA F 27 -28.95 -17.86 -6.65
CA ALA F 27 -29.51 -17.73 -7.99
C ALA F 27 -28.40 -17.61 -9.02
N ASN F 28 -28.54 -18.33 -10.12
CA ASN F 28 -27.61 -18.24 -11.24
C ASN F 28 -28.19 -17.47 -12.41
N SER F 29 -29.37 -16.88 -12.23
CA SER F 29 -30.01 -16.06 -13.25
C SER F 29 -30.85 -15.00 -12.56
N LEU F 30 -31.15 -13.93 -13.29
CA LEU F 30 -32.15 -13.04 -12.76
C LEU F 30 -33.52 -13.71 -12.78
N GLU F 31 -33.71 -14.69 -13.66
CA GLU F 31 -34.98 -15.41 -13.68
C GLU F 31 -35.15 -16.26 -12.43
N MSE F 32 -34.15 -17.12 -12.13
CA MSE F 32 -34.23 -17.94 -10.91
C MSE F 32 -34.43 -17.07 -9.69
O MSE F 32 -35.26 -17.38 -8.84
CB MSE F 32 -32.95 -18.79 -10.74
CG MSE F 32 -33.00 -19.66 -9.48
SE MSE F 32 -31.56 -20.69 -9.14
CE MSE F 32 -31.66 -21.97 -10.39
N LEU F 33 -33.68 -15.96 -9.60
CA LEU F 33 -33.83 -15.07 -8.46
C LEU F 33 -35.25 -14.51 -8.39
N ILE F 34 -35.82 -14.12 -9.54
CA ILE F 34 -37.17 -13.57 -9.53
C ILE F 34 -38.18 -14.64 -9.13
N ALA F 35 -38.00 -15.86 -9.65
CA ALA F 35 -38.86 -16.96 -9.25
C ALA F 35 -38.86 -17.11 -7.74
N LYS F 36 -37.66 -17.33 -7.17
CA LYS F 36 -37.49 -17.55 -5.73
C LYS F 36 -37.97 -16.35 -4.93
N ALA F 37 -37.82 -15.14 -5.46
CA ALA F 37 -38.33 -13.97 -4.77
C ALA F 37 -39.85 -14.04 -4.64
N LYS F 38 -40.55 -14.36 -5.74
CA LYS F 38 -42.00 -14.36 -5.68
C LYS F 38 -42.51 -15.41 -4.73
N SER F 39 -41.94 -16.62 -4.82
CA SER F 39 -42.36 -17.71 -3.95
C SER F 39 -42.35 -17.30 -2.49
N LYS F 40 -41.45 -16.41 -2.09
CA LYS F 40 -41.45 -15.93 -0.72
C LYS F 40 -42.20 -14.61 -0.56
N PHE F 41 -42.85 -14.13 -1.60
CA PHE F 41 -43.49 -12.82 -1.51
C PHE F 41 -44.86 -12.78 -2.06
N PRO F 42 -45.73 -11.84 -1.61
CA PRO F 42 -47.10 -11.82 -2.05
C PRO F 42 -47.28 -11.41 -3.51
N LEU F 43 -46.36 -10.60 -4.06
CA LEU F 43 -46.59 -9.93 -5.34
C LEU F 43 -46.88 -10.87 -6.50
N LEU F 44 -47.69 -10.35 -7.43
CA LEU F 44 -48.12 -11.11 -8.58
C LEU F 44 -46.98 -11.28 -9.58
N GLU F 45 -46.41 -10.20 -10.06
CA GLU F 45 -45.18 -10.30 -10.84
C GLU F 45 -44.12 -9.38 -10.24
N PRO F 46 -42.92 -9.92 -9.92
CA PRO F 46 -42.02 -9.20 -9.03
C PRO F 46 -40.92 -8.47 -9.78
N HIS F 47 -40.46 -7.32 -9.25
CA HIS F 47 -39.32 -6.64 -9.86
C HIS F 47 -38.26 -6.30 -8.81
N LEU F 48 -36.99 -6.37 -9.22
CA LEU F 48 -35.83 -6.17 -8.35
C LEU F 48 -35.28 -4.76 -8.48
N TYR F 49 -34.91 -4.17 -7.36
CA TYR F 49 -34.30 -2.84 -7.42
C TYR F 49 -33.11 -2.73 -6.49
N LEU F 50 -32.10 -1.99 -6.91
CA LEU F 50 -31.00 -1.74 -6.00
C LEU F 50 -31.53 -0.91 -4.84
N ALA F 51 -31.35 -1.44 -3.62
CA ALA F 51 -31.71 -0.68 -2.44
C ALA F 51 -30.92 0.61 -2.35
N SER F 52 -29.68 0.64 -2.87
CA SER F 52 -28.84 1.82 -2.81
C SER F 52 -29.51 3.02 -3.45
N ASP F 53 -29.75 2.93 -4.76
CA ASP F 53 -30.27 4.03 -5.57
C ASP F 53 -31.63 3.76 -6.19
N GLY F 54 -32.13 2.52 -6.16
CA GLY F 54 -33.44 2.21 -6.67
C GLY F 54 -33.54 1.85 -8.13
N PHE F 55 -32.43 1.59 -8.80
CA PHE F 55 -32.51 1.23 -10.22
C PHE F 55 -33.07 -0.19 -10.38
N GLU F 56 -33.83 -0.39 -11.42
CA GLU F 56 -34.37 -1.71 -11.68
C GLU F 56 -33.30 -2.57 -12.33
N VAL F 57 -33.11 -3.78 -11.82
CA VAL F 57 -32.30 -4.80 -12.47
C VAL F 57 -33.03 -5.28 -13.71
N SER F 58 -32.63 -4.83 -14.92
CA SER F 58 -33.42 -5.00 -16.15
C SER F 58 -33.17 -6.33 -16.85
N ASP F 59 -31.95 -6.83 -16.82
CA ASP F 59 -31.63 -8.07 -17.49
C ASP F 59 -30.75 -8.89 -16.58
N ASP F 60 -30.65 -10.17 -16.93
CA ASP F 60 -29.73 -11.03 -16.23
C ASP F 60 -28.31 -10.49 -16.33
N GLU F 61 -27.97 -9.83 -17.45
CA GLU F 61 -26.62 -9.29 -17.63
C GLU F 61 -26.31 -8.21 -16.63
N TYR F 62 -27.22 -7.26 -16.41
CA TYR F 62 -26.94 -6.26 -15.39
C TYR F 62 -26.87 -6.87 -14.00
N LEU F 63 -27.60 -7.95 -13.74
CA LEU F 63 -27.54 -8.59 -12.41
C LEU F 63 -26.15 -9.11 -12.11
N LYS F 64 -25.56 -9.84 -13.04
CA LYS F 64 -24.22 -10.36 -12.77
C LYS F 64 -23.16 -9.26 -12.81
N SER F 65 -23.49 -8.10 -13.37
CA SER F 65 -22.67 -6.90 -13.12
C SER F 65 -22.48 -6.62 -11.63
N LEU F 66 -23.48 -6.95 -10.81
CA LEU F 66 -23.45 -6.50 -9.43
C LEU F 66 -22.61 -7.42 -8.55
N PRO F 67 -22.06 -6.91 -7.45
CA PRO F 67 -21.33 -7.78 -6.52
C PRO F 67 -22.28 -8.68 -5.73
N ALA F 68 -21.76 -9.83 -5.30
CA ALA F 68 -22.59 -10.74 -4.52
C ALA F 68 -23.05 -10.09 -3.21
N GLN F 69 -24.13 -10.66 -2.65
CA GLN F 69 -24.78 -10.18 -1.43
C GLN F 69 -25.17 -8.71 -1.55
N THR F 70 -25.52 -8.25 -2.76
CA THR F 70 -26.14 -6.95 -2.93
C THR F 70 -27.59 -7.03 -2.48
N LEU F 71 -28.05 -5.98 -1.80
CA LEU F 71 -29.41 -5.95 -1.29
C LEU F 71 -30.34 -5.33 -2.33
N PHE F 72 -31.37 -6.08 -2.69
CA PHE F 72 -32.40 -5.67 -3.63
C PHE F 72 -33.72 -5.47 -2.90
N ILE F 73 -34.50 -4.52 -3.38
CA ILE F 73 -35.91 -4.43 -3.05
C ILE F 73 -36.73 -5.21 -4.07
N VAL F 74 -37.72 -5.98 -3.60
CA VAL F 74 -38.73 -6.55 -4.48
C VAL F 74 -40.02 -5.75 -4.33
N SER F 75 -40.65 -5.43 -5.46
CA SER F 75 -41.85 -4.61 -5.47
C SER F 75 -42.51 -4.78 -6.84
N GLY F 76 -43.58 -4.02 -7.06
CA GLY F 76 -44.31 -4.06 -8.30
C GLY F 76 -43.53 -3.39 -9.41
N PRO F 77 -43.91 -3.63 -10.67
CA PRO F 77 -43.20 -2.99 -11.79
C PRO F 77 -43.33 -1.48 -11.74
N ASP F 78 -44.48 -1.03 -11.25
CA ASP F 78 -44.73 0.39 -11.05
C ASP F 78 -43.65 1.01 -10.17
N ALA F 79 -43.30 0.33 -9.08
CA ALA F 79 -43.02 1.00 -7.82
C ALA F 79 -41.69 1.72 -7.80
N VAL F 80 -41.73 2.92 -7.20
CA VAL F 80 -40.56 3.72 -6.83
C VAL F 80 -40.33 3.50 -5.35
N ILE F 81 -39.08 3.31 -4.99
CA ILE F 81 -38.70 2.70 -3.71
C ILE F 81 -38.07 3.73 -2.79
N THR F 82 -38.39 3.60 -1.51
CA THR F 82 -37.64 4.32 -0.49
C THR F 82 -36.27 3.68 -0.39
N THR F 83 -35.26 4.38 -0.91
CA THR F 83 -33.90 3.89 -0.86
C THR F 83 -33.45 3.68 0.57
N ASP F 84 -32.36 2.92 0.71
CA ASP F 84 -31.79 2.66 2.03
C ASP F 84 -31.43 3.94 2.74
N ALA F 85 -30.83 4.89 2.02
CA ALA F 85 -30.51 6.18 2.61
C ALA F 85 -31.75 6.82 3.22
N ASP F 86 -32.86 6.80 2.48
CA ASP F 86 -34.11 7.42 2.92
C ASP F 86 -34.90 6.57 3.90
N PHE F 87 -34.81 5.24 3.82
CA PHE F 87 -35.60 4.41 4.74
C PHE F 87 -35.11 4.56 6.18
N GLU F 88 -33.80 4.50 6.37
CA GLU F 88 -33.13 4.73 7.63
C GLU F 88 -32.87 6.20 7.94
N PHE F 89 -33.11 7.12 7.01
CA PHE F 89 -33.12 8.52 7.39
C PHE F 89 -34.48 8.90 7.96
N GLU F 90 -35.56 8.44 7.33
CA GLU F 90 -36.90 8.74 7.81
C GLU F 90 -37.22 7.98 9.10
N LYS F 91 -36.84 6.70 9.16
CA LYS F 91 -37.10 5.89 10.36
C LYS F 91 -36.49 6.54 11.59
N MSE F 92 -35.31 7.13 11.42
CA MSE F 92 -34.74 8.01 12.43
C MSE F 92 -35.02 9.48 12.14
O MSE F 92 -35.77 10.10 12.88
CB MSE F 92 -33.26 7.80 12.56
CG MSE F 92 -32.82 6.36 12.37
SE MSE F 92 -30.98 6.27 12.99
CE MSE F 92 -30.55 4.41 12.72
N ALA G 7 -22.16 -31.51 -1.06
CA ALA G 7 -21.08 -32.48 -1.19
C ALA G 7 -19.94 -32.21 -0.19
N PRO G 8 -19.38 -30.95 -0.10
CA PRO G 8 -18.24 -30.73 0.82
C PRO G 8 -18.67 -30.34 2.24
N MSE G 9 -18.10 -30.98 3.27
CA MSE G 9 -18.43 -30.62 4.64
C MSE G 9 -17.80 -29.29 5.00
O MSE G 9 -16.62 -29.06 4.73
CB MSE G 9 -17.92 -31.69 5.60
CG MSE G 9 -18.88 -32.82 5.97
SE MSE G 9 -20.33 -32.33 6.94
CE MSE G 9 -20.86 -33.98 7.35
N ARG G 10 -18.58 -28.39 5.57
CA ARG G 10 -18.05 -27.11 5.99
C ARG G 10 -18.49 -26.85 7.42
N GLY G 11 -17.78 -25.97 8.11
CA GLY G 11 -18.06 -25.70 9.51
C GLY G 11 -18.82 -24.39 9.65
N TYR G 12 -19.86 -24.40 10.49
CA TYR G 12 -20.58 -23.17 10.77
C TYR G 12 -20.75 -23.01 12.28
N LYS G 13 -20.91 -21.76 12.71
CA LYS G 13 -21.17 -21.39 14.09
C LYS G 13 -22.64 -20.99 14.22
N VAL G 14 -23.33 -21.56 15.22
CA VAL G 14 -24.77 -21.37 15.45
C VAL G 14 -25.00 -20.93 16.90
N THR G 15 -25.94 -20.00 17.10
CA THR G 15 -26.35 -19.66 18.47
C THR G 15 -27.83 -19.29 18.49
N ASP G 16 -28.41 -19.30 19.70
CA ASP G 16 -29.76 -18.77 19.89
C ASP G 16 -29.75 -17.24 19.99
N ASN G 17 -30.94 -16.63 19.91
CA ASN G 17 -30.98 -15.16 19.85
C ASN G 17 -30.51 -14.49 21.14
N GLU G 18 -30.36 -15.23 22.25
CA GLU G 18 -29.86 -14.63 23.48
C GLU G 18 -28.40 -14.99 23.79
N ARG G 19 -27.76 -15.77 22.93
CA ARG G 19 -26.31 -15.94 22.87
C ARG G 19 -25.79 -16.70 24.10
N THR G 20 -26.49 -17.77 24.46
CA THR G 20 -26.11 -18.56 25.62
C THR G 20 -25.50 -19.89 25.25
N ARG G 21 -26.09 -20.55 24.26
CA ARG G 21 -25.58 -21.82 23.75
C ARG G 21 -24.94 -21.58 22.39
N LYS G 22 -23.67 -21.98 22.26
CA LYS G 22 -22.83 -21.65 21.11
C LYS G 22 -22.17 -22.93 20.63
N TYR G 23 -22.48 -23.38 19.41
CA TYR G 23 -21.90 -24.60 18.87
C TYR G 23 -21.34 -24.40 17.47
N GLY G 24 -20.27 -25.13 17.15
CA GLY G 24 -19.79 -25.23 15.78
C GLY G 24 -20.27 -26.56 15.21
N ILE G 25 -20.80 -26.52 13.97
CA ILE G 25 -21.47 -27.66 13.36
C ILE G 25 -20.92 -27.89 11.96
N GLY G 26 -20.60 -29.14 11.64
CA GLY G 26 -20.21 -29.52 10.29
C GLY G 26 -21.42 -29.93 9.48
N ALA G 27 -21.53 -29.38 8.26
CA ALA G 27 -22.72 -29.52 7.43
C ALA G 27 -22.39 -29.21 5.98
N ASN G 28 -22.86 -30.05 5.06
CA ASN G 28 -22.74 -29.81 3.64
C ASN G 28 -24.09 -29.47 3.01
N SER G 29 -25.12 -29.29 3.82
CA SER G 29 -26.41 -28.91 3.30
C SER G 29 -27.06 -28.00 4.32
N LEU G 30 -28.01 -27.19 3.85
CA LEU G 30 -28.80 -26.41 4.79
C LEU G 30 -29.70 -27.32 5.59
N GLU G 31 -30.03 -28.49 5.04
CA GLU G 31 -30.85 -29.45 5.76
C GLU G 31 -30.04 -30.10 6.87
N MSE G 32 -28.84 -30.61 6.56
CA MSE G 32 -27.99 -31.17 7.62
C MSE G 32 -27.73 -30.16 8.73
O MSE G 32 -27.82 -30.49 9.90
CB MSE G 32 -26.67 -31.67 7.06
CG MSE G 32 -25.70 -32.04 8.17
SE MSE G 32 -24.50 -33.34 7.86
CE MSE G 32 -23.69 -32.66 6.46
N LEU G 33 -27.42 -28.92 8.37
CA LEU G 33 -27.16 -27.91 9.38
C LEU G 33 -28.37 -27.69 10.27
N ILE G 34 -29.54 -27.57 9.66
CA ILE G 34 -30.75 -27.26 10.41
C ILE G 34 -31.13 -28.45 11.29
N ALA G 35 -30.98 -29.66 10.77
CA ALA G 35 -31.19 -30.86 11.56
C ALA G 35 -30.35 -30.83 12.83
N LYS G 36 -29.03 -30.69 12.66
CA LYS G 36 -28.11 -30.65 13.80
C LYS G 36 -28.45 -29.52 14.74
N ALA G 37 -28.92 -28.39 14.21
CA ALA G 37 -29.33 -27.29 15.09
C ALA G 37 -30.53 -27.70 15.95
N LYS G 38 -31.49 -28.43 15.35
CA LYS G 38 -32.73 -28.79 16.04
C LYS G 38 -32.47 -29.74 17.20
N SER G 39 -31.57 -30.69 16.99
CA SER G 39 -31.20 -31.61 18.06
C SER G 39 -30.62 -30.88 19.27
N LYS G 40 -29.95 -29.76 19.03
CA LYS G 40 -29.32 -29.02 20.11
C LYS G 40 -30.16 -27.85 20.59
N PHE G 41 -31.35 -27.67 20.05
CA PHE G 41 -32.15 -26.53 20.46
C PHE G 41 -33.61 -26.92 20.71
N PRO G 42 -34.26 -26.24 21.65
CA PRO G 42 -35.62 -26.61 22.04
C PRO G 42 -36.71 -26.24 21.04
N LEU G 43 -36.35 -25.89 19.81
CA LEU G 43 -37.33 -25.41 18.86
C LEU G 43 -37.80 -26.57 18.00
N LEU G 44 -39.07 -26.52 17.63
CA LEU G 44 -39.65 -27.62 16.86
C LEU G 44 -39.19 -27.56 15.41
N GLU G 45 -39.57 -26.49 14.70
CA GLU G 45 -39.06 -26.23 13.36
C GLU G 45 -38.26 -24.92 13.36
N PRO G 46 -36.92 -24.98 13.42
CA PRO G 46 -36.09 -23.78 13.65
C PRO G 46 -35.59 -23.22 12.34
N HIS G 47 -35.30 -21.92 12.27
CA HIS G 47 -34.80 -21.30 11.06
C HIS G 47 -33.51 -20.51 11.34
N LEU G 48 -32.61 -20.47 10.35
CA LEU G 48 -31.28 -19.86 10.51
C LEU G 48 -31.27 -18.43 10.01
N TYR G 49 -30.61 -17.55 10.76
CA TYR G 49 -30.49 -16.15 10.37
C TYR G 49 -29.04 -15.71 10.52
N LEU G 50 -28.60 -14.85 9.63
CA LEU G 50 -27.27 -14.29 9.80
C LEU G 50 -27.27 -13.42 11.03
N ALA G 51 -26.30 -13.64 11.93
CA ALA G 51 -26.18 -12.69 13.03
C ALA G 51 -25.86 -11.30 12.49
N SER G 52 -25.09 -11.24 11.40
CA SER G 52 -24.68 -9.98 10.79
C SER G 52 -25.89 -9.15 10.40
N ASP G 53 -26.80 -9.75 9.62
CA ASP G 53 -27.88 -9.05 8.91
C ASP G 53 -29.28 -9.37 9.39
N GLY G 54 -29.48 -10.51 10.02
CA GLY G 54 -30.82 -10.88 10.38
C GLY G 54 -31.55 -11.49 9.23
N PHE G 55 -30.88 -11.70 8.11
CA PHE G 55 -31.51 -12.34 6.96
C PHE G 55 -31.65 -13.84 7.17
N GLU G 56 -32.74 -14.40 6.66
CA GLU G 56 -32.98 -15.82 6.75
C GLU G 56 -32.18 -16.51 5.65
N VAL G 57 -31.40 -17.53 6.01
CA VAL G 57 -30.79 -18.38 4.99
C VAL G 57 -31.94 -19.22 4.43
N SER G 58 -32.47 -18.84 3.27
CA SER G 58 -33.76 -19.40 2.84
C SER G 58 -33.63 -20.70 2.06
N ASP G 59 -32.58 -20.89 1.29
CA ASP G 59 -32.40 -22.13 0.55
C ASP G 59 -31.00 -22.65 0.77
N ASP G 60 -30.82 -23.91 0.42
CA ASP G 60 -29.51 -24.53 0.59
C ASP G 60 -28.44 -23.81 -0.19
N GLU G 61 -28.81 -23.27 -1.34
CA GLU G 61 -27.85 -22.61 -2.22
C GLU G 61 -27.30 -21.34 -1.61
N TYR G 62 -28.17 -20.51 -1.01
CA TYR G 62 -27.66 -19.31 -0.38
C TYR G 62 -26.71 -19.64 0.78
N LEU G 63 -26.89 -20.80 1.41
CA LEU G 63 -25.98 -21.19 2.50
C LEU G 63 -24.56 -21.39 1.99
N LYS G 64 -24.39 -22.08 0.88
CA LYS G 64 -23.06 -22.30 0.35
C LYS G 64 -22.48 -21.04 -0.32
N SER G 65 -23.33 -20.07 -0.62
CA SER G 65 -22.87 -18.70 -0.90
C SER G 65 -21.99 -18.15 0.22
N LEU G 66 -22.27 -18.51 1.49
CA LEU G 66 -21.66 -17.88 2.64
C LEU G 66 -20.26 -18.46 2.94
N PRO G 67 -19.36 -17.67 3.50
CA PRO G 67 -18.04 -18.20 3.89
C PRO G 67 -18.14 -19.07 5.12
N ALA G 68 -17.21 -20.01 5.26
CA ALA G 68 -17.26 -20.88 6.43
C ALA G 68 -17.11 -20.09 7.74
N GLN G 69 -17.55 -20.71 8.83
CA GLN G 69 -17.56 -20.12 10.17
C GLN G 69 -18.32 -18.79 10.20
N THR G 70 -19.32 -18.65 9.35
CA THR G 70 -20.28 -17.58 9.48
C THR G 70 -21.18 -17.85 10.68
N LEU G 71 -21.46 -16.81 11.45
CA LEU G 71 -22.29 -17.01 12.65
C LEU G 71 -23.76 -16.84 12.31
N PHE G 72 -24.52 -17.91 12.57
CA PHE G 72 -25.95 -17.92 12.36
C PHE G 72 -26.67 -17.96 13.68
N ILE G 73 -27.79 -17.25 13.73
CA ILE G 73 -28.80 -17.44 14.77
C ILE G 73 -29.84 -18.43 14.28
N VAL G 74 -30.20 -19.35 15.16
CA VAL G 74 -31.34 -20.23 14.97
C VAL G 74 -32.47 -19.70 15.86
N SER G 75 -33.68 -19.66 15.32
CA SER G 75 -34.82 -19.02 15.98
C SER G 75 -36.11 -19.50 15.34
N GLY G 76 -37.20 -18.81 15.67
CA GLY G 76 -38.51 -19.17 15.21
C GLY G 76 -38.61 -19.09 13.70
N PRO G 77 -39.75 -19.52 13.15
CA PRO G 77 -39.92 -19.50 11.68
C PRO G 77 -39.81 -18.14 11.04
N ASP G 78 -40.59 -17.16 11.50
CA ASP G 78 -40.47 -15.81 10.97
C ASP G 78 -40.12 -14.83 12.09
N ALA G 79 -39.38 -15.32 13.08
CA ALA G 79 -38.89 -14.50 14.17
C ALA G 79 -37.86 -13.50 13.66
N VAL G 80 -37.91 -12.27 14.21
CA VAL G 80 -36.97 -11.19 13.91
C VAL G 80 -35.91 -11.11 14.99
N ILE G 81 -34.68 -10.87 14.55
CA ILE G 81 -33.55 -11.10 15.39
C ILE G 81 -32.85 -9.83 15.82
N THR G 82 -32.42 -9.83 17.06
CA THR G 82 -31.51 -8.80 17.52
C THR G 82 -30.18 -9.10 16.87
N THR G 83 -29.86 -8.32 15.83
CA THR G 83 -28.57 -8.52 15.18
C THR G 83 -27.48 -8.25 16.21
N ASP G 84 -26.34 -8.92 16.03
CA ASP G 84 -25.27 -8.84 17.04
C ASP G 84 -24.79 -7.41 17.26
N ALA G 85 -24.80 -6.57 16.22
CA ALA G 85 -24.45 -5.18 16.43
C ALA G 85 -25.31 -4.58 17.54
N ASP G 86 -26.63 -4.80 17.48
CA ASP G 86 -27.53 -4.27 18.49
C ASP G 86 -27.55 -5.12 19.76
N PHE G 87 -27.33 -6.44 19.66
CA PHE G 87 -27.24 -7.25 20.87
C PHE G 87 -26.02 -6.86 21.70
N GLU G 88 -24.91 -6.59 21.03
CA GLU G 88 -23.72 -6.14 21.73
C GLU G 88 -23.87 -4.70 22.18
N PHE G 89 -24.68 -3.90 21.49
CA PHE G 89 -24.93 -2.53 21.90
C PHE G 89 -25.79 -2.53 23.17
N GLU G 90 -26.78 -3.42 23.28
CA GLU G 90 -27.63 -3.41 24.48
C GLU G 90 -26.91 -3.92 25.71
N LYS G 91 -25.88 -4.76 25.53
CA LYS G 91 -25.07 -5.27 26.64
C LYS G 91 -24.22 -4.20 27.30
N MSE G 92 -24.37 -2.93 26.90
CA MSE G 92 -23.59 -1.82 27.43
C MSE G 92 -24.47 -0.59 27.70
O MSE G 92 -25.53 -0.69 28.32
CB MSE G 92 -22.46 -1.44 26.46
CG MSE G 92 -21.37 -2.51 26.25
SE MSE G 92 -20.44 -2.33 24.51
CE MSE G 92 -20.17 -4.19 23.94
N ALA H 7 -9.50 -40.11 9.46
CA ALA H 7 -8.42 -41.04 9.10
C ALA H 7 -7.02 -40.45 9.40
N PRO H 8 -6.69 -39.20 8.95
CA PRO H 8 -5.32 -38.69 9.16
C PRO H 8 -5.13 -38.00 10.51
N MSE H 9 -4.01 -38.30 11.20
CA MSE H 9 -3.74 -37.71 12.52
C MSE H 9 -3.37 -36.25 12.34
O MSE H 9 -2.58 -35.92 11.45
CB MSE H 9 -2.59 -38.43 13.25
CG MSE H 9 -2.89 -39.75 14.00
SE MSE H 9 -4.15 -39.63 15.29
CE MSE H 9 -3.35 -39.96 16.82
N ARG H 10 -3.97 -35.36 13.14
CA ARG H 10 -3.60 -33.94 13.13
C ARG H 10 -3.37 -33.44 14.55
N GLY H 11 -2.60 -32.38 14.69
CA GLY H 11 -2.23 -31.87 16.00
C GLY H 11 -3.08 -30.72 16.42
N TYR H 12 -3.59 -30.80 17.64
CA TYR H 12 -4.43 -29.76 18.22
C TYR H 12 -3.83 -29.39 19.57
N LYS H 13 -4.14 -28.18 20.04
CA LYS H 13 -3.58 -27.68 21.29
C LYS H 13 -4.70 -27.47 22.28
N VAL H 14 -4.54 -28.06 23.47
CA VAL H 14 -5.59 -28.18 24.47
C VAL H 14 -5.11 -27.62 25.81
N THR H 15 -5.99 -26.90 26.47
CA THR H 15 -5.70 -26.39 27.79
C THR H 15 -7.01 -26.34 28.58
N ASP H 16 -6.91 -26.21 29.91
CA ASP H 16 -8.07 -25.96 30.77
C ASP H 16 -8.42 -24.47 30.77
N ASN H 17 -9.55 -24.12 31.42
CA ASN H 17 -10.06 -22.75 31.34
C ASN H 17 -9.13 -21.74 32.02
N GLU H 18 -8.36 -22.17 33.00
CA GLU H 18 -7.45 -21.25 33.66
C GLU H 18 -6.05 -21.27 33.04
N ARG H 19 -5.85 -22.09 32.01
CA ARG H 19 -4.63 -22.10 31.20
C ARG H 19 -3.40 -22.34 32.08
N THR H 20 -3.50 -23.45 32.82
CA THR H 20 -2.51 -23.98 33.73
C THR H 20 -1.78 -25.17 33.16
N ARG H 21 -2.50 -26.03 32.46
CA ARG H 21 -1.93 -27.22 31.85
C ARG H 21 -2.15 -27.16 30.35
N LYS H 22 -1.11 -27.44 29.56
CA LYS H 22 -1.12 -27.18 28.12
C LYS H 22 -0.46 -28.36 27.41
N TYR H 23 -1.24 -29.10 26.60
CA TYR H 23 -0.71 -30.29 25.90
C TYR H 23 -1.03 -30.22 24.42
N GLY H 24 -0.12 -30.75 23.61
CA GLY H 24 -0.38 -30.97 22.20
C GLY H 24 -0.80 -32.41 22.01
N ILE H 25 -1.87 -32.61 21.24
CA ILE H 25 -2.50 -33.92 21.12
C ILE H 25 -2.74 -34.24 19.65
N GLY H 26 -2.30 -35.43 19.24
CA GLY H 26 -2.60 -35.96 17.91
C GLY H 26 -3.89 -36.77 17.94
N ALA H 27 -4.72 -36.56 16.92
CA ALA H 27 -6.06 -37.16 16.90
C ALA H 27 -6.64 -37.06 15.49
N ASN H 28 -7.29 -38.13 15.04
CA ASN H 28 -7.98 -38.13 13.76
C ASN H 28 -9.49 -38.03 13.92
N SER H 29 -9.96 -37.88 15.15
CA SER H 29 -11.38 -37.76 15.39
C SER H 29 -11.60 -36.88 16.59
N LEU H 30 -12.79 -36.30 16.67
CA LEU H 30 -13.12 -35.57 17.88
C LEU H 30 -13.16 -36.51 19.08
N GLU H 31 -13.42 -37.80 18.85
CA GLU H 31 -13.51 -38.72 19.98
C GLU H 31 -12.13 -39.02 20.55
N MSE H 32 -11.20 -39.46 19.68
CA MSE H 32 -9.82 -39.68 20.10
C MSE H 32 -9.26 -38.47 20.82
O MSE H 32 -8.56 -38.61 21.83
CB MSE H 32 -8.93 -40.02 18.91
CG MSE H 32 -7.51 -40.26 19.34
SE MSE H 32 -6.44 -40.60 17.96
CE MSE H 32 -6.95 -42.23 17.43
N LEU H 33 -9.52 -37.27 20.29
CA LEU H 33 -9.08 -36.05 20.96
C LEU H 33 -9.74 -35.92 22.32
N ILE H 34 -11.03 -36.21 22.41
CA ILE H 34 -11.75 -36.10 23.68
C ILE H 34 -11.23 -37.10 24.68
N ALA H 35 -10.97 -38.34 24.23
CA ALA H 35 -10.38 -39.35 25.08
C ALA H 35 -9.04 -38.89 25.63
N LYS H 36 -8.13 -38.48 24.75
CA LYS H 36 -6.80 -38.10 25.18
C LYS H 36 -6.81 -36.92 26.15
N ALA H 37 -7.66 -35.91 25.90
CA ALA H 37 -7.75 -34.81 26.86
C ALA H 37 -8.29 -35.31 28.20
N LYS H 38 -9.25 -36.24 28.15
CA LYS H 38 -9.85 -36.82 29.35
C LYS H 38 -8.79 -37.44 30.25
N SER H 39 -7.91 -38.24 29.68
CA SER H 39 -6.82 -38.85 30.45
C SER H 39 -5.89 -37.80 31.04
N LYS H 40 -5.74 -36.66 30.37
CA LYS H 40 -4.87 -35.63 30.91
C LYS H 40 -5.61 -34.59 31.74
N PHE H 41 -6.92 -34.73 31.96
CA PHE H 41 -7.56 -33.64 32.65
C PHE H 41 -8.54 -34.08 33.74
N PRO H 42 -8.63 -33.31 34.81
CA PRO H 42 -9.50 -33.63 35.94
C PRO H 42 -10.97 -33.32 35.69
N LEU H 43 -11.57 -33.78 34.60
CA LEU H 43 -12.97 -33.55 34.35
C LEU H 43 -13.67 -34.87 34.10
N LEU H 44 -14.93 -34.92 34.54
CA LEU H 44 -15.71 -36.16 34.53
C LEU H 44 -16.24 -36.49 33.14
N GLU H 45 -16.83 -35.52 32.46
CA GLU H 45 -17.22 -35.68 31.06
C GLU H 45 -16.80 -34.41 30.30
N PRO H 46 -15.73 -34.51 29.50
CA PRO H 46 -15.08 -33.27 29.05
C PRO H 46 -15.55 -32.85 27.66
N HIS H 47 -15.68 -31.54 27.47
CA HIS H 47 -16.13 -30.98 26.20
C HIS H 47 -15.15 -29.92 25.71
N LEU H 48 -15.01 -29.83 24.39
CA LEU H 48 -14.04 -28.96 23.75
C LEU H 48 -14.69 -27.65 23.34
N TYR H 49 -13.98 -26.56 23.60
CA TYR H 49 -14.44 -25.24 23.23
C TYR H 49 -13.31 -24.48 22.56
N LEU H 50 -13.65 -23.69 21.55
CA LEU H 50 -12.64 -22.84 20.95
C LEU H 50 -12.19 -21.78 21.95
N ALA H 51 -10.87 -21.68 22.14
CA ALA H 51 -10.36 -20.58 22.95
C ALA H 51 -10.70 -19.25 22.32
N SER H 52 -10.73 -19.21 20.97
CA SER H 52 -11.04 -17.97 20.25
C SER H 52 -12.41 -17.44 20.63
N ASP H 53 -13.46 -18.22 20.35
CA ASP H 53 -14.84 -17.75 20.40
C ASP H 53 -15.61 -18.34 21.56
N GLY H 54 -15.16 -19.47 22.09
CA GLY H 54 -15.88 -20.13 23.15
C GLY H 54 -16.95 -21.05 22.65
N PHE H 55 -17.03 -21.27 21.34
CA PHE H 55 -18.00 -22.19 20.77
C PHE H 55 -17.62 -23.63 21.06
N GLU H 56 -18.62 -24.47 21.24
CA GLU H 56 -18.39 -25.88 21.51
C GLU H 56 -18.14 -26.63 20.21
N VAL H 57 -17.04 -27.36 20.14
CA VAL H 57 -16.82 -28.27 19.01
C VAL H 57 -17.80 -29.41 19.20
N SER H 58 -18.94 -29.38 18.49
CA SER H 58 -20.05 -30.29 18.84
C SER H 58 -19.97 -31.64 18.14
N ASP H 59 -19.47 -31.71 16.91
CA ASP H 59 -19.37 -32.97 16.20
C ASP H 59 -17.98 -33.06 15.60
N ASP H 60 -17.62 -34.29 15.22
CA ASP H 60 -16.31 -34.50 14.60
C ASP H 60 -16.16 -33.65 13.35
N GLU H 61 -17.25 -33.43 12.61
CA GLU H 61 -17.14 -32.67 11.37
C GLU H 61 -16.73 -31.23 11.62
N TYR H 62 -17.32 -30.57 12.63
CA TYR H 62 -16.90 -29.20 12.89
C TYR H 62 -15.44 -29.13 13.30
N LEU H 63 -14.91 -30.19 13.91
CA LEU H 63 -13.49 -30.23 14.30
C LEU H 63 -12.55 -30.22 13.10
N LYS H 64 -12.79 -31.11 12.12
CA LYS H 64 -11.91 -31.11 10.96
C LYS H 64 -12.13 -29.90 10.05
N SER H 65 -13.23 -29.18 10.24
CA SER H 65 -13.34 -27.82 9.73
C SER H 65 -12.17 -26.96 10.18
N LEU H 66 -11.68 -27.19 11.38
CA LEU H 66 -10.76 -26.24 11.99
C LEU H 66 -9.32 -26.48 11.52
N PRO H 67 -8.49 -25.43 11.51
CA PRO H 67 -7.08 -25.58 11.13
C PRO H 67 -6.27 -26.31 12.20
N ALA H 68 -5.19 -26.97 11.78
CA ALA H 68 -4.39 -27.66 12.77
C ALA H 68 -3.79 -26.68 13.77
N GLN H 69 -3.42 -27.23 14.93
CA GLN H 69 -2.91 -26.49 16.08
C GLN H 69 -3.86 -25.39 16.51
N THR H 70 -5.17 -25.60 16.33
CA THR H 70 -6.17 -24.70 16.90
C THR H 70 -6.22 -24.89 18.41
N LEU H 71 -6.36 -23.79 19.15
CA LEU H 71 -6.36 -23.87 20.61
C LEU H 71 -7.77 -24.12 21.14
N PHE H 72 -7.91 -25.21 21.92
CA PHE H 72 -9.15 -25.57 22.58
C PHE H 72 -9.02 -25.47 24.10
N ILE H 73 -10.13 -25.10 24.72
CA ILE H 73 -10.37 -25.29 26.15
C ILE H 73 -11.16 -26.57 26.41
N VAL H 74 -10.76 -27.32 27.46
CA VAL H 74 -11.57 -28.43 27.97
C VAL H 74 -12.30 -27.96 29.21
N SER H 75 -13.56 -28.39 29.32
CA SER H 75 -14.36 -27.98 30.45
C SER H 75 -15.52 -28.95 30.57
N GLY H 76 -16.40 -28.66 31.53
CA GLY H 76 -17.57 -29.46 31.78
C GLY H 76 -18.60 -29.24 30.70
N PRO H 77 -19.61 -30.10 30.63
CA PRO H 77 -20.69 -29.88 29.67
C PRO H 77 -21.40 -28.56 29.98
N ASP H 78 -21.94 -27.94 28.92
CA ASP H 78 -22.72 -26.71 29.05
C ASP H 78 -21.91 -25.61 29.73
N ALA H 79 -20.61 -25.58 29.47
CA ALA H 79 -19.69 -24.67 30.16
C ALA H 79 -19.49 -23.39 29.39
N VAL H 80 -19.43 -22.25 30.10
CA VAL H 80 -19.07 -20.98 29.48
C VAL H 80 -17.60 -20.69 29.76
N ILE H 81 -16.89 -20.27 28.71
CA ILE H 81 -15.43 -20.25 28.65
C ILE H 81 -14.90 -18.83 28.75
N THR H 82 -13.76 -18.66 29.43
CA THR H 82 -13.01 -17.41 29.33
C THR H 82 -12.32 -17.31 27.96
N THR H 83 -12.84 -16.46 27.07
CA THR H 83 -12.23 -16.33 25.76
C THR H 83 -10.79 -15.80 25.89
N ASP H 84 -10.00 -16.04 24.84
CA ASP H 84 -8.61 -15.59 24.87
C ASP H 84 -8.53 -14.08 25.06
N ALA H 85 -9.37 -13.33 24.34
CA ALA H 85 -9.45 -11.88 24.54
C ALA H 85 -9.77 -11.55 25.99
N ASP H 86 -10.77 -12.22 26.56
CA ASP H 86 -11.23 -11.92 27.92
C ASP H 86 -10.27 -12.43 28.98
N PHE H 87 -9.54 -13.52 28.70
CA PHE H 87 -8.59 -14.08 29.66
C PHE H 87 -7.33 -13.24 29.79
N GLU H 88 -6.65 -13.01 28.66
CA GLU H 88 -5.38 -12.29 28.61
C GLU H 88 -5.55 -10.79 28.75
N PHE H 89 -6.80 -10.31 28.76
CA PHE H 89 -7.07 -8.95 29.18
C PHE H 89 -7.19 -8.89 30.71
N GLU H 90 -8.06 -9.74 31.29
CA GLU H 90 -8.27 -9.75 32.73
C GLU H 90 -7.05 -10.23 33.51
N LYS H 91 -5.97 -10.65 32.83
CA LYS H 91 -4.76 -10.92 33.60
C LYS H 91 -4.07 -9.64 34.06
N MSE H 92 -4.28 -8.50 33.41
CA MSE H 92 -3.64 -7.28 33.83
C MSE H 92 -4.41 -6.51 34.92
O MSE H 92 -4.49 -6.93 36.08
CB MSE H 92 -3.40 -6.41 32.61
CG MSE H 92 -2.16 -6.87 31.88
SE MSE H 92 -1.91 -6.08 30.14
CE MSE H 92 -1.53 -7.68 29.10
N ALA I 7 7.94 -44.32 11.40
CA ALA I 7 9.11 -45.00 10.83
C ALA I 7 10.23 -44.09 10.28
N PRO I 8 9.94 -42.82 9.81
CA PRO I 8 11.03 -42.02 9.20
C PRO I 8 11.78 -41.17 10.21
N MSE I 9 13.12 -41.17 10.17
CA MSE I 9 13.91 -40.36 11.09
C MSE I 9 13.92 -38.89 10.67
O MSE I 9 14.19 -38.58 9.51
CB MSE I 9 15.34 -40.90 11.17
CG MSE I 9 16.15 -40.42 12.37
SE MSE I 9 16.10 -41.49 13.82
CE MSE I 9 16.54 -43.06 13.09
N ARG I 10 13.65 -37.99 11.63
CA ARG I 10 13.66 -36.54 11.40
C ARG I 10 14.47 -35.81 12.47
N GLY I 11 14.91 -34.61 12.14
CA GLY I 11 15.78 -33.83 13.02
C GLY I 11 15.01 -32.79 13.81
N TYR I 12 15.31 -32.70 15.10
CA TYR I 12 14.69 -31.71 15.97
C TYR I 12 15.75 -30.97 16.77
N LYS I 13 15.36 -29.83 17.33
CA LYS I 13 16.25 -29.06 18.19
C LYS I 13 15.72 -29.03 19.61
N VAL I 14 16.61 -29.34 20.55
CA VAL I 14 16.29 -29.47 21.97
C VAL I 14 17.21 -28.57 22.76
N THR I 15 16.66 -27.90 23.76
CA THR I 15 17.46 -27.09 24.65
C THR I 15 16.87 -27.24 26.05
N ASP I 16 17.67 -26.87 27.05
CA ASP I 16 17.16 -26.77 28.40
C ASP I 16 16.41 -25.45 28.60
N ASN I 17 15.76 -25.33 29.76
CA ASN I 17 14.92 -24.17 30.02
C ASN I 17 15.76 -22.91 30.18
N GLU I 18 17.09 -23.06 30.17
CA GLU I 18 18.07 -22.00 30.34
C GLU I 18 18.69 -21.51 29.03
N ARG I 19 18.51 -22.30 27.95
CA ARG I 19 19.23 -22.10 26.68
C ARG I 19 20.75 -22.03 26.88
N THR I 20 21.29 -22.99 27.62
CA THR I 20 22.74 -23.06 27.76
C THR I 20 23.30 -24.23 26.97
N ARG I 21 22.64 -25.37 27.07
CA ARG I 21 22.99 -26.54 26.29
C ARG I 21 21.98 -26.71 25.16
N LYS I 22 22.49 -26.84 23.94
CA LYS I 22 21.66 -26.81 22.74
C LYS I 22 22.11 -27.94 21.81
N TYR I 23 21.21 -28.88 21.54
CA TYR I 23 21.55 -30.03 20.70
C TYR I 23 20.52 -30.21 19.59
N GLY I 24 21.00 -30.68 18.44
CA GLY I 24 20.15 -31.22 17.38
C GLY I 24 20.14 -32.73 17.45
N ILE I 25 18.94 -33.34 17.38
CA ILE I 25 18.76 -34.76 17.63
C ILE I 25 17.91 -35.40 16.54
N GLY I 26 18.36 -36.50 15.98
CA GLY I 26 17.56 -37.30 15.04
C GLY I 26 16.76 -38.37 15.76
N ALA I 27 15.49 -38.50 15.40
CA ALA I 27 14.54 -39.38 16.12
C ALA I 27 13.29 -39.62 15.26
N ASN I 28 12.81 -40.86 15.24
CA ASN I 28 11.55 -41.17 14.55
C ASN I 28 10.37 -41.43 15.49
N SER I 29 10.55 -41.24 16.80
CA SER I 29 9.46 -41.43 17.74
C SER I 29 9.63 -40.43 18.87
N LEU I 30 8.55 -40.13 19.59
CA LEU I 30 8.75 -39.26 20.74
C LEU I 30 9.55 -39.99 21.80
N GLU I 31 9.49 -41.34 21.78
CA GLU I 31 10.27 -42.12 22.72
C GLU I 31 11.77 -41.96 22.43
N MSE I 32 12.16 -42.17 21.17
CA MSE I 32 13.56 -42.05 20.80
C MSE I 32 14.08 -40.66 21.10
O MSE I 32 15.19 -40.51 21.63
CB MSE I 32 13.79 -42.39 19.33
CG MSE I 32 15.22 -42.31 18.96
SE MSE I 32 15.52 -42.55 17.21
CE MSE I 32 15.21 -44.31 17.01
N LEU I 33 13.29 -39.62 20.79
CA LEU I 33 13.72 -38.25 21.03
C LEU I 33 13.95 -37.95 22.52
N ILE I 34 13.00 -38.29 23.40
CA ILE I 34 13.19 -38.04 24.83
C ILE I 34 14.30 -38.90 25.41
N ALA I 35 14.40 -40.13 24.91
CA ALA I 35 15.50 -41.00 25.30
C ALA I 35 16.83 -40.30 25.04
N LYS I 36 17.03 -39.84 23.81
CA LYS I 36 18.27 -39.15 23.48
C LYS I 36 18.45 -37.90 24.34
N ALA I 37 17.37 -37.17 24.62
CA ALA I 37 17.49 -36.03 25.54
C ALA I 37 17.87 -36.49 26.93
N LYS I 38 17.34 -37.63 27.34
CA LYS I 38 17.71 -38.21 28.63
C LYS I 38 19.22 -38.30 28.77
N SER I 39 19.89 -38.90 27.77
CA SER I 39 21.33 -39.13 27.86
C SER I 39 22.13 -37.82 27.89
N LYS I 40 21.64 -36.78 27.23
CA LYS I 40 22.37 -35.52 27.17
C LYS I 40 21.91 -34.51 28.21
N PHE I 41 20.97 -34.86 29.08
CA PHE I 41 20.43 -33.92 30.05
C PHE I 41 20.29 -34.57 31.42
N PRO I 42 20.38 -33.80 32.50
CA PRO I 42 20.37 -34.39 33.85
C PRO I 42 19.05 -35.02 34.30
N LEU I 43 17.95 -34.26 34.15
CA LEU I 43 16.61 -34.64 34.61
C LEU I 43 16.34 -36.13 34.59
N LEU I 44 15.67 -36.62 35.65
CA LEU I 44 15.43 -38.06 35.72
C LEU I 44 14.21 -38.46 34.89
N GLU I 45 13.19 -37.61 34.84
CA GLU I 45 12.08 -37.84 33.94
C GLU I 45 11.90 -36.58 33.10
N PRO I 46 12.33 -36.58 31.83
CA PRO I 46 12.33 -35.32 31.08
C PRO I 46 11.12 -35.21 30.16
N HIS I 47 10.57 -34.00 29.97
CA HIS I 47 9.43 -33.82 29.10
C HIS I 47 9.68 -32.71 28.08
N LEU I 48 9.13 -32.88 26.88
CA LEU I 48 9.39 -31.94 25.81
C LEU I 48 8.30 -30.89 25.78
N TYR I 49 8.71 -29.64 25.61
CA TYR I 49 7.76 -28.54 25.52
C TYR I 49 8.14 -27.70 24.33
N LEU I 50 7.13 -27.20 23.63
CA LEU I 50 7.42 -26.27 22.55
C LEU I 50 8.04 -25.01 23.11
N ALA I 51 9.17 -24.61 22.53
CA ALA I 51 9.76 -23.33 22.91
C ALA I 51 8.81 -22.18 22.59
N SER I 52 8.06 -22.28 21.49
CA SER I 52 7.22 -21.16 21.05
C SER I 52 6.22 -20.76 22.13
N ASP I 53 5.34 -21.69 22.53
CA ASP I 53 4.24 -21.39 23.43
C ASP I 53 4.26 -22.19 24.73
N GLY I 54 5.08 -23.24 24.82
CA GLY I 54 5.20 -23.99 26.06
C GLY I 54 4.27 -25.17 26.25
N PHE I 55 3.56 -25.60 25.22
CA PHE I 55 2.72 -26.77 25.36
C PHE I 55 3.57 -28.04 25.41
N GLU I 56 3.12 -29.01 26.19
CA GLU I 56 3.86 -30.27 26.33
C GLU I 56 3.55 -31.14 25.13
N VAL I 57 4.59 -31.64 24.46
CA VAL I 57 4.44 -32.65 23.42
C VAL I 57 4.03 -33.96 24.10
N SER I 58 2.73 -34.29 24.06
CA SER I 58 2.19 -35.37 24.91
C SER I 58 2.15 -36.74 24.24
N ASP I 59 2.04 -36.84 22.91
CA ASP I 59 2.01 -38.14 22.25
C ASP I 59 3.02 -38.14 21.13
N ASP I 60 3.37 -39.35 20.67
CA ASP I 60 4.20 -39.44 19.49
C ASP I 60 3.47 -38.77 18.34
N GLU I 61 2.13 -38.85 18.33
CA GLU I 61 1.35 -38.27 17.26
C GLU I 61 1.44 -36.74 17.23
N TYR I 62 1.29 -36.07 18.37
CA TYR I 62 1.39 -34.62 18.31
C TYR I 62 2.77 -34.17 17.85
N LEU I 63 3.80 -34.99 18.13
CA LEU I 63 5.18 -34.72 17.69
C LEU I 63 5.32 -34.76 16.17
N LYS I 64 4.83 -35.83 15.53
CA LYS I 64 4.98 -35.86 14.08
C LYS I 64 4.08 -34.86 13.39
N SER I 65 3.10 -34.32 14.12
CA SER I 65 2.41 -33.12 13.67
C SER I 65 3.39 -31.99 13.36
N LEU I 66 4.47 -31.88 14.14
CA LEU I 66 5.30 -30.68 14.07
C LEU I 66 6.30 -30.72 12.92
N PRO I 67 6.69 -29.55 12.40
CA PRO I 67 7.69 -29.53 11.34
C PRO I 67 9.06 -29.91 11.86
N ALA I 68 9.91 -30.42 10.98
CA ALA I 68 11.25 -30.72 11.44
C ALA I 68 11.96 -29.43 11.90
N GLN I 69 13.00 -29.64 12.73
CA GLN I 69 13.80 -28.60 13.38
C GLN I 69 12.95 -27.67 14.23
N THR I 70 11.86 -28.19 14.79
CA THR I 70 11.12 -27.45 15.82
C THR I 70 11.89 -27.46 17.13
N LEU I 71 11.91 -26.31 17.81
CA LEU I 71 12.68 -26.19 19.04
C LEU I 71 11.85 -26.54 20.26
N PHE I 72 12.38 -27.46 21.04
CA PHE I 72 11.78 -27.88 22.30
C PHE I 72 12.64 -27.45 23.46
N ILE I 73 11.99 -27.10 24.56
CA ILE I 73 12.59 -27.11 25.88
C ILE I 73 12.37 -28.49 26.48
N VAL I 74 13.41 -29.07 27.04
CA VAL I 74 13.27 -30.29 27.84
C VAL I 74 13.37 -29.88 29.30
N SER I 75 12.49 -30.41 30.13
CA SER I 75 12.36 -29.94 31.51
C SER I 75 11.66 -31.00 32.35
N GLY I 76 11.30 -30.59 33.56
CA GLY I 76 10.69 -31.44 34.54
C GLY I 76 9.31 -31.91 34.16
N PRO I 77 8.80 -32.89 34.91
CA PRO I 77 7.50 -33.49 34.59
C PRO I 77 6.37 -32.51 34.53
N ASP I 78 6.35 -31.47 35.34
CA ASP I 78 5.35 -30.44 35.09
C ASP I 78 5.91 -29.06 35.37
N ALA I 79 7.17 -28.84 35.03
CA ALA I 79 7.70 -27.48 35.00
C ALA I 79 6.99 -26.69 33.91
N VAL I 80 6.77 -25.40 34.19
CA VAL I 80 6.26 -24.45 33.21
C VAL I 80 7.44 -23.66 32.67
N ILE I 81 7.40 -23.40 31.35
CA ILE I 81 8.56 -23.00 30.59
C ILE I 81 8.57 -21.50 30.45
N THR I 82 9.75 -20.91 30.55
CA THR I 82 9.93 -19.56 30.06
C THR I 82 9.91 -19.63 28.55
N THR I 83 8.81 -19.19 27.94
CA THR I 83 8.67 -19.22 26.49
C THR I 83 9.72 -18.33 25.83
N ASP I 84 9.96 -18.59 24.54
CA ASP I 84 10.97 -17.85 23.80
C ASP I 84 10.71 -16.34 23.81
N ALA I 85 9.46 -15.93 23.63
CA ALA I 85 9.11 -14.51 23.70
C ALA I 85 9.61 -13.88 24.99
N ASP I 86 9.37 -14.55 26.11
CA ASP I 86 9.73 -14.03 27.41
C ASP I 86 11.21 -14.24 27.72
N PHE I 87 11.82 -15.32 27.23
CA PHE I 87 13.21 -15.61 27.56
C PHE I 87 14.17 -14.61 26.92
N GLU I 88 13.96 -14.32 25.65
CA GLU I 88 14.69 -13.30 24.91
C GLU I 88 14.18 -11.88 25.19
N PHE I 89 13.17 -11.72 26.04
CA PHE I 89 12.85 -10.37 26.46
C PHE I 89 13.53 -10.06 27.80
N GLU I 90 13.62 -11.06 28.69
CA GLU I 90 14.44 -10.93 29.90
C GLU I 90 15.88 -10.54 29.57
N LYS I 91 16.37 -10.90 28.38
CA LYS I 91 17.69 -10.48 27.93
C LYS I 91 17.64 -9.10 27.24
N ALA J 7 25.46 -44.05 3.98
CA ALA J 7 25.74 -44.73 2.72
C ALA J 7 26.13 -43.74 1.64
N PRO J 8 25.33 -42.65 1.44
CA PRO J 8 25.67 -41.70 0.36
C PRO J 8 26.58 -40.58 0.84
N MSE J 9 27.68 -40.33 0.13
CA MSE J 9 28.60 -39.27 0.53
C MSE J 9 27.97 -37.95 0.15
O MSE J 9 27.45 -37.79 -0.95
CB MSE J 9 29.96 -39.46 -0.14
CG MSE J 9 31.14 -38.71 0.49
SE MSE J 9 31.99 -39.71 1.74
CE MSE J 9 32.20 -41.24 0.84
N ARG J 10 28.01 -36.98 1.07
CA ARG J 10 27.45 -35.65 0.87
C ARG J 10 28.50 -34.61 1.20
N GLY J 11 28.36 -33.41 0.65
CA GLY J 11 29.35 -32.36 0.85
C GLY J 11 28.87 -31.38 1.91
N TYR J 12 29.77 -31.06 2.85
CA TYR J 12 29.48 -30.10 3.92
C TYR J 12 30.60 -29.06 4.01
N LYS J 13 30.30 -27.95 4.69
CA LYS J 13 31.27 -26.85 4.87
C LYS J 13 31.57 -26.62 6.36
N VAL J 14 32.87 -26.59 6.69
CA VAL J 14 33.38 -26.56 8.07
C VAL J 14 34.31 -25.37 8.29
N THR J 15 34.18 -24.72 9.43
CA THR J 15 35.16 -23.68 9.76
C THR J 15 35.33 -23.65 11.28
N ASP J 16 36.42 -23.00 11.73
CA ASP J 16 36.67 -22.71 13.14
C ASP J 16 35.89 -21.45 13.60
N ASN J 17 35.91 -21.20 14.91
CA ASN J 17 34.99 -20.20 15.45
C ASN J 17 35.27 -18.76 15.02
N GLU J 18 36.45 -18.47 14.48
CA GLU J 18 36.69 -17.14 13.91
C GLU J 18 36.95 -17.22 12.41
N ARG J 19 36.42 -18.26 11.77
CA ARG J 19 36.14 -18.30 10.34
C ARG J 19 37.34 -17.87 9.51
N THR J 20 38.48 -18.47 9.86
CA THR J 20 39.76 -18.25 9.20
C THR J 20 40.22 -19.42 8.36
N ARG J 21 39.84 -20.64 8.74
CA ARG J 21 40.15 -21.82 7.95
C ARG J 21 38.86 -22.50 7.52
N LYS J 22 38.59 -22.49 6.21
CA LYS J 22 37.33 -22.90 5.61
C LYS J 22 37.55 -24.10 4.68
N TYR J 23 36.91 -25.23 4.97
CA TYR J 23 37.06 -26.43 4.12
C TYR J 23 35.71 -27.04 3.73
N GLY J 24 35.68 -27.63 2.54
CA GLY J 24 34.60 -28.51 2.12
C GLY J 24 34.98 -29.97 2.24
N ILE J 25 34.11 -30.75 2.86
CA ILE J 25 34.44 -32.13 3.26
C ILE J 25 33.32 -33.07 2.84
N GLY J 26 33.66 -34.16 2.18
CA GLY J 26 32.69 -35.20 1.85
C GLY J 26 32.62 -36.28 2.92
N ALA J 27 31.41 -36.65 3.30
CA ALA J 27 31.24 -37.58 4.42
C ALA J 27 29.86 -38.21 4.36
N ASN J 28 29.82 -39.52 4.60
CA ASN J 28 28.56 -40.25 4.67
C ASN J 28 28.18 -40.58 6.10
N SER J 29 28.92 -40.07 7.09
CA SER J 29 28.58 -40.30 8.47
C SER J 29 29.01 -39.08 9.26
N LEU J 30 28.40 -38.91 10.44
CA LEU J 30 28.93 -37.84 11.27
C LEU J 30 30.32 -38.24 11.74
N GLU J 31 30.59 -39.53 11.80
CA GLU J 31 31.90 -39.97 12.24
C GLU J 31 32.96 -39.56 11.22
N MSE J 32 32.70 -39.81 9.94
CA MSE J 32 33.67 -39.45 8.90
C MSE J 32 33.87 -37.95 8.83
O MSE J 32 35.00 -37.47 8.71
CB MSE J 32 33.24 -40.02 7.55
CG MSE J 32 34.17 -39.75 6.40
SE MSE J 32 33.47 -40.48 4.92
CE MSE J 32 34.90 -40.64 3.85
N LEU J 33 32.78 -37.19 8.92
CA LEU J 33 32.89 -35.74 8.88
C LEU J 33 33.74 -35.24 10.04
N ILE J 34 33.51 -35.78 11.22
CA ILE J 34 34.26 -35.36 12.41
C ILE J 34 35.72 -35.72 12.29
N ALA J 35 36.02 -36.93 11.82
CA ALA J 35 37.38 -37.38 11.61
C ALA J 35 38.13 -36.44 10.68
N LYS J 36 37.62 -36.26 9.46
CA LYS J 36 38.28 -35.43 8.47
C LYS J 36 38.48 -34.01 8.99
N ALA J 37 37.50 -33.50 9.73
CA ALA J 37 37.63 -32.16 10.28
C ALA J 37 38.75 -32.07 11.31
N LYS J 38 38.90 -33.11 12.15
CA LYS J 38 39.96 -33.11 13.15
C LYS J 38 41.33 -33.17 12.50
N SER J 39 41.44 -33.92 11.41
CA SER J 39 42.67 -33.95 10.63
C SER J 39 43.11 -32.57 10.16
N LYS J 40 42.16 -31.70 9.85
CA LYS J 40 42.48 -30.34 9.43
C LYS J 40 42.40 -29.34 10.56
N PHE J 41 42.12 -29.77 11.77
CA PHE J 41 41.95 -28.71 12.76
C PHE J 41 42.67 -28.98 14.07
N PRO J 42 43.14 -27.91 14.71
CA PRO J 42 43.88 -27.98 15.99
C PRO J 42 42.97 -28.23 17.20
N LEU J 43 42.23 -29.34 17.18
CA LEU J 43 41.40 -29.72 18.31
C LEU J 43 41.59 -31.19 18.64
N LEU J 44 41.52 -31.50 19.94
CA LEU J 44 41.75 -32.85 20.43
C LEU J 44 40.54 -33.76 20.24
N GLU J 45 39.41 -33.41 20.85
CA GLU J 45 38.15 -34.07 20.52
C GLU J 45 37.18 -33.00 20.02
N PRO J 46 36.84 -33.01 18.73
CA PRO J 46 36.15 -31.87 18.16
C PRO J 46 34.68 -32.18 17.93
N HIS J 47 33.82 -31.16 18.10
CA HIS J 47 32.37 -31.32 17.95
C HIS J 47 31.81 -30.29 16.98
N LEU J 48 30.78 -30.70 16.23
CA LEU J 48 30.22 -29.88 15.16
C LEU J 48 29.03 -29.07 15.66
N TYR J 49 28.99 -27.80 15.25
CA TYR J 49 27.90 -26.91 15.61
C TYR J 49 27.39 -26.19 14.37
N LEU J 50 26.08 -26.00 14.31
CA LEU J 50 25.56 -25.23 13.20
C LEU J 50 26.05 -23.80 13.32
N ALA J 51 26.66 -23.30 12.25
CA ALA J 51 27.03 -21.89 12.24
C ALA J 51 25.80 -21.01 12.37
N SER J 52 24.70 -21.45 11.75
CA SER J 52 23.45 -20.72 11.78
C SER J 52 22.97 -20.53 13.21
N ASP J 53 22.77 -21.65 13.91
CA ASP J 53 22.03 -21.70 15.17
C ASP J 53 22.93 -21.90 16.38
N GLY J 54 24.07 -22.56 16.20
CA GLY J 54 24.96 -22.86 17.28
C GLY J 54 24.62 -24.13 18.00
N PHE J 55 23.67 -24.90 17.48
CA PHE J 55 23.30 -26.18 18.07
C PHE J 55 24.33 -27.26 17.74
N GLU J 56 24.52 -28.16 18.70
CA GLU J 56 25.49 -29.23 18.49
C GLU J 56 24.84 -30.27 17.58
N VAL J 57 25.54 -30.62 16.49
CA VAL J 57 25.13 -31.75 15.67
C VAL J 57 25.48 -32.98 16.50
N SER J 58 24.56 -33.43 17.35
CA SER J 58 24.92 -34.40 18.38
C SER J 58 24.79 -35.83 17.90
N ASP J 59 24.03 -36.06 16.85
CA ASP J 59 23.67 -37.39 16.44
C ASP J 59 23.98 -37.53 14.95
N ASP J 60 24.32 -38.75 14.49
CA ASP J 60 24.52 -38.91 13.05
C ASP J 60 23.24 -38.69 12.27
N GLU J 61 22.12 -39.12 12.83
CA GLU J 61 20.82 -38.92 12.17
C GLU J 61 20.50 -37.44 12.07
N TYR J 62 20.76 -36.66 13.14
CA TYR J 62 20.53 -35.23 13.03
C TYR J 62 21.39 -34.58 11.95
N LEU J 63 22.57 -35.13 11.67
CA LEU J 63 23.40 -34.62 10.57
C LEU J 63 22.72 -34.83 9.22
N LYS J 64 22.23 -36.04 8.98
CA LYS J 64 21.56 -36.33 7.72
C LYS J 64 20.21 -35.66 7.65
N SER J 65 19.68 -35.17 8.78
CA SER J 65 18.57 -34.22 8.76
C SER J 65 18.88 -32.96 7.96
N LEU J 66 20.14 -32.49 7.99
CA LEU J 66 20.46 -31.16 7.45
C LEU J 66 20.69 -31.20 5.94
N PRO J 67 20.45 -30.09 5.26
CA PRO J 67 20.73 -30.01 3.81
C PRO J 67 22.22 -29.94 3.55
N ALA J 68 22.62 -30.37 2.36
CA ALA J 68 24.04 -30.30 2.04
C ALA J 68 24.56 -28.86 2.07
N GLN J 69 25.88 -28.75 2.21
CA GLN J 69 26.63 -27.50 2.33
C GLN J 69 26.14 -26.65 3.49
N THR J 70 25.58 -27.25 4.53
CA THR J 70 25.34 -26.44 5.73
C THR J 70 26.69 -26.19 6.40
N LEU J 71 26.83 -24.97 6.90
CA LEU J 71 28.09 -24.55 7.48
C LEU J 71 28.15 -24.95 8.95
N PHE J 72 29.23 -25.62 9.31
CA PHE J 72 29.47 -26.01 10.68
C PHE J 72 30.69 -25.29 11.26
N ILE J 73 30.57 -24.99 12.55
CA ILE J 73 31.71 -24.67 13.38
C ILE J 73 32.20 -25.96 14.02
N VAL J 74 33.51 -26.22 13.94
CA VAL J 74 34.12 -27.33 14.65
C VAL J 74 34.85 -26.74 15.85
N SER J 75 34.66 -27.35 17.02
CA SER J 75 35.07 -26.71 18.26
C SER J 75 35.16 -27.70 19.42
N GLY J 76 35.33 -27.14 20.61
CA GLY J 76 35.45 -27.87 21.83
C GLY J 76 34.18 -28.56 22.25
N PRO J 77 34.28 -29.49 23.20
CA PRO J 77 33.11 -30.30 23.58
C PRO J 77 31.90 -29.54 24.11
N ASP J 78 32.05 -28.51 24.91
CA ASP J 78 30.84 -27.79 25.30
C ASP J 78 30.98 -26.32 24.98
N ALA J 79 31.63 -26.02 23.86
CA ALA J 79 31.89 -24.63 23.50
C ALA J 79 30.60 -23.98 23.02
N VAL J 80 30.45 -22.70 23.40
CA VAL J 80 29.38 -21.83 22.91
C VAL J 80 29.96 -20.99 21.78
N ILE J 81 29.22 -20.90 20.67
CA ILE J 81 29.75 -20.48 19.38
C ILE J 81 29.31 -19.06 19.09
N THR J 82 30.19 -18.30 18.44
CA THR J 82 29.76 -17.06 17.81
C THR J 82 28.95 -17.43 16.56
N THR J 83 27.63 -17.25 16.62
CA THR J 83 26.77 -17.56 15.48
C THR J 83 27.12 -16.71 14.26
N ASP J 84 26.65 -17.15 13.09
CA ASP J 84 26.92 -16.39 11.86
C ASP J 84 26.41 -14.96 11.96
N ALA J 85 25.20 -14.78 12.48
CA ALA J 85 24.66 -13.44 12.70
C ALA J 85 25.56 -12.60 13.59
N ASP J 86 25.97 -13.18 14.72
CA ASP J 86 26.75 -12.44 15.71
C ASP J 86 28.20 -12.27 15.28
N PHE J 87 28.76 -13.25 14.57
CA PHE J 87 30.15 -13.17 14.10
C PHE J 87 30.32 -12.10 13.04
N GLU J 88 29.33 -11.95 12.15
CA GLU J 88 29.46 -10.96 11.09
C GLU J 88 28.95 -9.59 11.49
N PHE J 89 28.31 -9.46 12.65
CA PHE J 89 28.10 -8.14 13.24
C PHE J 89 29.29 -7.70 14.10
N GLU J 90 30.03 -8.64 14.72
CA GLU J 90 31.31 -8.30 15.33
C GLU J 90 32.30 -7.78 14.29
N LYS J 91 32.15 -8.20 13.02
CA LYS J 91 33.00 -7.73 11.94
C LYS J 91 32.77 -6.25 11.62
N MSE J 92 31.64 -5.70 12.08
CA MSE J 92 31.38 -4.27 11.92
C MSE J 92 31.70 -3.51 13.23
O MSE J 92 32.84 -3.50 13.70
CB MSE J 92 29.93 -4.03 11.51
CG MSE J 92 29.62 -2.62 11.04
SE MSE J 92 29.31 -2.47 9.26
CE MSE J 92 27.75 -3.36 9.12
#